data_8GPY
#
_entry.id   8GPY
#
_cell.length_a   122.863
_cell.length_b   92.092
_cell.length_c   89.270
_cell.angle_alpha   90.000
_cell.angle_beta   92.400
_cell.angle_gamma   90.000
#
_symmetry.space_group_name_H-M   'C 1 2 1'
#
loop_
_entity.id
_entity.type
_entity.pdbx_description
1 polymer 'Spike protein S1'
2 polymer scFv
3 water water
#
loop_
_entity_poly.entity_id
_entity_poly.type
_entity_poly.pdbx_seq_one_letter_code
_entity_poly.pdbx_strand_id
1 'polypeptide(L)'
;TNLCPFDEVFNATRFASVYAWNRKRISNCVADYSVLYNFAPFFAFKCYGVSPTKLNDLCFTNVYADSFVIRGNEVSQIAP
GQTGNIADYNYKLPDDFTGCVIAWNSNKLDSKVGGNYNYRYRLFRKSNLKPFERDISTEIYQAGNKPCNGVAGVNCYFPL
QSYGFRPTYGVGHQPYRVVVLSFELLHAPATVCGPKKSAAA
;
A,B
2 'polypeptide(L)'
;EVRLLESGGGLVQPGGSLRLSCAASGFTFNDYAMSWVRQAPGEGLEWVSTISYSGGSTYYADSVKGRFTISRDNSKNMLY
LQMNSLRAEDTALYYCANGVATADWYFDLWGRGTLVTVSSQSALTQPRSVSGSPGQSVTISCTGTSSDVGGYNYVSWFQH
HPGKAPKLMIYDVTDRPSGVPDRFSGSKSGNTASLTISGLQAEDAADYYCCSYAGTYTVFGGGTKLTVLAAA
;
C,E
#
# COMPACT_ATOMS: atom_id res chain seq x y z
N CYS A 4 4.05 -12.73 24.03
CA CYS A 4 4.81 -11.48 23.90
C CYS A 4 5.20 -11.18 22.46
N PRO A 5 5.20 -9.90 22.10
CA PRO A 5 5.54 -9.49 20.72
C PRO A 5 7.05 -9.53 20.45
N PHE A 6 7.64 -10.72 20.61
CA PHE A 6 9.03 -10.92 20.23
C PHE A 6 9.19 -10.95 18.72
N ASP A 7 8.20 -11.53 18.02
CA ASP A 7 8.26 -11.59 16.57
C ASP A 7 8.20 -10.20 15.95
N GLU A 8 7.44 -9.29 16.55
CA GLU A 8 7.35 -7.94 16.00
C GLU A 8 8.70 -7.26 15.96
N VAL A 9 9.59 -7.61 16.91
CA VAL A 9 10.92 -7.00 16.94
C VAL A 9 11.88 -7.76 16.02
N PHE A 10 11.88 -9.09 16.11
CA PHE A 10 12.91 -9.90 15.44
C PHE A 10 12.62 -10.09 13.96
N ASN A 11 11.39 -10.45 13.60
CA ASN A 11 11.05 -10.73 12.21
C ASN A 11 10.58 -9.48 11.45
N ALA A 12 10.93 -8.30 11.91
CA ALA A 12 10.51 -7.08 11.23
C ALA A 12 11.18 -6.95 9.88
N THR A 13 10.52 -6.24 8.97
CA THR A 13 11.03 -6.09 7.61
C THR A 13 12.32 -5.26 7.60
N ARG A 14 12.24 -4.03 8.11
CA ARG A 14 13.39 -3.14 8.20
C ARG A 14 13.70 -2.83 9.66
N PHE A 15 14.98 -2.87 10.00
CA PHE A 15 15.49 -2.46 11.30
C PHE A 15 15.92 -1.00 11.23
N ALA A 16 16.09 -0.41 12.41
CA ALA A 16 16.49 0.99 12.52
C ALA A 16 18.01 1.11 12.46
N SER A 17 18.47 2.27 12.01
CA SER A 17 19.90 2.58 12.08
C SER A 17 20.33 2.67 13.55
N VAL A 18 21.61 2.41 13.80
CA VAL A 18 22.07 2.32 15.18
C VAL A 18 22.05 3.69 15.85
N TYR A 19 22.20 4.78 15.10
CA TYR A 19 22.21 6.10 15.74
C TYR A 19 20.81 6.47 16.20
N ALA A 20 19.79 6.14 15.42
CA ALA A 20 18.40 6.31 15.80
C ALA A 20 18.00 4.85 15.96
N TRP A 21 18.10 4.35 17.19
CA TRP A 21 17.84 2.94 17.43
C TRP A 21 16.40 2.92 17.95
N ASN A 22 15.75 1.78 17.76
CA ASN A 22 14.35 1.59 18.11
C ASN A 22 14.22 0.94 19.48
N ARG A 23 13.23 1.37 20.24
CA ARG A 23 12.91 0.77 21.53
C ARG A 23 11.43 0.43 21.57
N LYS A 24 11.12 -0.82 21.89
CA LYS A 24 9.75 -1.28 22.04
C LYS A 24 9.56 -1.81 23.45
N ARG A 25 8.56 -1.29 24.16
CA ARG A 25 8.26 -1.76 25.50
C ARG A 25 7.41 -3.03 25.40
N ILE A 26 7.82 -4.07 26.13
CA ILE A 26 7.10 -5.33 26.17
C ILE A 26 6.36 -5.41 27.49
N SER A 27 5.04 -5.63 27.41
CA SER A 27 4.20 -5.69 28.59
C SER A 27 2.97 -6.54 28.27
N ASN A 28 2.24 -6.89 29.32
CA ASN A 28 0.92 -7.50 29.21
C ASN A 28 0.96 -8.84 28.50
N CYS A 29 2.01 -9.63 28.72
CA CYS A 29 2.18 -10.86 27.96
C CYS A 29 3.10 -11.80 28.72
N VAL A 30 3.13 -13.06 28.27
CA VAL A 30 4.02 -14.09 28.79
C VAL A 30 5.22 -14.21 27.87
N ALA A 31 6.42 -14.11 28.44
CA ALA A 31 7.66 -14.13 27.66
C ALA A 31 8.15 -15.56 27.52
N ASP A 32 7.77 -16.21 26.43
CA ASP A 32 8.34 -17.49 26.04
C ASP A 32 9.27 -17.25 24.86
N TYR A 33 10.49 -17.80 24.94
CA TYR A 33 11.53 -17.54 23.95
C TYR A 33 11.66 -18.64 22.93
N SER A 34 10.75 -19.60 22.92
CA SER A 34 10.79 -20.67 21.94
C SER A 34 10.88 -20.06 20.56
N VAL A 35 10.38 -18.85 20.42
CA VAL A 35 10.40 -18.21 19.13
C VAL A 35 11.81 -17.97 18.68
N LEU A 36 12.63 -17.42 19.54
CA LEU A 36 14.00 -17.08 19.18
C LEU A 36 14.82 -18.33 19.07
N TYR A 37 14.38 -19.38 19.74
CA TYR A 37 15.09 -20.63 19.70
C TYR A 37 14.80 -21.21 18.35
N ASN A 38 13.67 -20.86 17.79
CA ASN A 38 13.37 -21.31 16.43
C ASN A 38 13.54 -20.11 15.52
N PHE A 39 14.57 -19.33 15.78
CA PHE A 39 14.86 -18.22 14.91
C PHE A 39 16.24 -18.44 14.33
N ALA A 40 16.90 -17.37 13.94
CA ALA A 40 18.16 -17.54 13.25
C ALA A 40 19.28 -18.26 13.90
N PRO A 41 20.17 -18.86 13.10
CA PRO A 41 21.36 -19.40 13.72
C PRO A 41 22.13 -18.17 14.21
N PHE A 42 22.18 -17.91 15.52
CA PHE A 42 22.77 -16.67 16.04
C PHE A 42 24.28 -16.48 16.10
N PHE A 43 24.73 -15.25 15.89
CA PHE A 43 26.15 -14.93 15.96
C PHE A 43 26.52 -14.82 17.41
N ALA A 44 25.67 -14.16 18.18
CA ALA A 44 25.98 -13.98 19.58
C ALA A 44 24.69 -13.92 20.39
N PHE A 45 24.67 -14.65 21.51
CA PHE A 45 23.63 -14.54 22.52
C PHE A 45 24.36 -14.25 23.84
N LYS A 46 24.55 -12.97 24.14
CA LYS A 46 25.36 -12.52 25.27
C LYS A 46 24.44 -11.88 26.30
N CYS A 47 24.22 -12.58 27.41
CA CYS A 47 23.48 -12.03 28.55
C CYS A 47 24.45 -11.51 29.59
N TYR A 48 24.10 -10.36 30.17
CA TYR A 48 24.94 -9.70 31.17
C TYR A 48 24.12 -9.48 32.43
N GLY A 49 24.62 -10.00 33.56
CA GLY A 49 23.99 -9.80 34.84
C GLY A 49 22.71 -10.58 35.07
N VAL A 50 22.42 -11.59 34.26
CA VAL A 50 21.20 -12.37 34.42
C VAL A 50 21.38 -13.73 33.76
N SER A 51 21.02 -14.79 34.49
CA SER A 51 21.01 -16.12 33.90
C SER A 51 19.83 -16.27 32.95
N PRO A 52 20.06 -16.53 31.67
CA PRO A 52 18.92 -16.72 30.77
C PRO A 52 18.20 -18.03 31.01
N THR A 53 18.92 -19.05 31.49
CA THR A 53 18.25 -20.28 31.93
C THR A 53 17.21 -20.01 33.02
N LYS A 54 17.21 -18.82 33.61
CA LYS A 54 16.14 -18.41 34.52
C LYS A 54 15.18 -17.42 33.87
N LEU A 55 15.25 -17.23 32.55
CA LEU A 55 14.39 -16.25 31.90
C LEU A 55 12.98 -16.77 31.63
N ASN A 56 12.62 -17.94 32.13
CA ASN A 56 11.23 -18.37 32.13
C ASN A 56 10.53 -18.09 33.46
N ASP A 57 11.30 -17.97 34.54
CA ASP A 57 10.78 -17.51 35.83
C ASP A 57 11.41 -16.14 36.01
N LEU A 58 10.78 -15.15 35.37
CA LEU A 58 11.33 -13.81 35.24
C LEU A 58 10.59 -12.78 36.09
N CYS A 59 9.27 -12.74 36.03
CA CYS A 59 8.45 -11.83 36.82
C CYS A 59 8.83 -10.35 36.75
N PHE A 60 9.14 -9.89 35.53
CA PHE A 60 9.56 -8.52 35.30
C PHE A 60 8.37 -7.63 35.00
N THR A 61 8.50 -6.35 35.36
CA THR A 61 7.42 -5.40 35.10
C THR A 61 7.48 -4.87 33.67
N ASN A 62 8.65 -4.42 33.23
CA ASN A 62 8.83 -3.89 31.89
C ASN A 62 10.07 -4.52 31.26
N VAL A 63 9.97 -4.85 29.98
CA VAL A 63 11.07 -5.40 29.20
C VAL A 63 11.20 -4.59 27.93
N TYR A 64 12.38 -4.04 27.68
CA TYR A 64 12.62 -3.17 26.54
C TYR A 64 13.40 -3.93 25.46
N ALA A 65 12.92 -3.86 24.23
CA ALA A 65 13.53 -4.53 23.09
C ALA A 65 14.16 -3.45 22.21
N ASP A 66 15.45 -3.22 22.40
CA ASP A 66 16.20 -2.29 21.59
C ASP A 66 16.72 -3.00 20.34
N SER A 67 16.53 -2.39 19.17
CA SER A 67 16.89 -3.03 17.92
C SER A 67 17.60 -2.03 17.02
N PHE A 68 18.59 -2.51 16.27
CA PHE A 68 19.33 -1.69 15.33
C PHE A 68 20.19 -2.61 14.46
N VAL A 69 20.92 -2.00 13.52
CA VAL A 69 21.81 -2.70 12.61
C VAL A 69 23.19 -2.05 12.68
N ILE A 70 24.23 -2.89 12.75
CA ILE A 70 25.63 -2.47 12.70
C ILE A 70 26.39 -3.48 11.87
N ARG A 71 27.69 -3.22 11.69
CA ARG A 71 28.53 -4.21 11.04
C ARG A 71 29.04 -5.22 12.06
N GLY A 72 29.56 -6.34 11.55
CA GLY A 72 29.97 -7.42 12.44
C GLY A 72 31.12 -7.04 13.34
N ASN A 73 32.03 -6.18 12.85
CA ASN A 73 33.15 -5.72 13.67
C ASN A 73 32.69 -5.04 14.94
N GLU A 74 31.51 -4.43 14.92
CA GLU A 74 31.03 -3.59 16.02
C GLU A 74 30.09 -4.31 16.96
N VAL A 75 29.78 -5.59 16.73
CA VAL A 75 28.89 -6.31 17.63
C VAL A 75 29.54 -6.51 18.99
N SER A 76 30.87 -6.61 19.03
CA SER A 76 31.58 -6.67 20.31
C SER A 76 31.41 -5.39 21.13
N GLN A 77 31.11 -4.27 20.47
CA GLN A 77 30.90 -3.02 21.21
C GLN A 77 29.59 -2.99 21.98
N ILE A 78 28.61 -3.80 21.59
CA ILE A 78 27.32 -3.79 22.25
C ILE A 78 27.40 -4.64 23.51
N ALA A 79 28.08 -4.11 24.52
CA ALA A 79 28.32 -4.83 25.76
C ALA A 79 28.58 -3.82 26.85
N PRO A 80 28.41 -4.20 28.12
CA PRO A 80 28.72 -3.28 29.22
C PRO A 80 30.18 -2.87 29.22
N GLY A 81 30.42 -1.57 29.31
CA GLY A 81 31.77 -1.07 29.46
C GLY A 81 32.66 -1.22 28.24
N GLN A 82 32.11 -1.06 27.04
CA GLN A 82 32.88 -1.09 25.82
C GLN A 82 33.16 0.34 25.34
N THR A 83 34.02 0.44 24.33
CA THR A 83 34.39 1.72 23.74
C THR A 83 34.40 1.60 22.22
N GLY A 84 34.33 2.75 21.55
CA GLY A 84 34.27 2.82 20.10
C GLY A 84 33.16 3.74 19.64
N ASN A 85 33.09 3.93 18.33
CA ASN A 85 32.10 4.84 17.75
C ASN A 85 30.69 4.42 18.11
N ILE A 86 30.40 3.12 18.08
CA ILE A 86 29.04 2.67 18.35
C ILE A 86 28.73 2.79 19.85
N ALA A 87 29.63 2.30 20.69
CA ALA A 87 29.37 2.29 22.13
C ALA A 87 29.35 3.69 22.71
N ASP A 88 30.14 4.61 22.14
CA ASP A 88 30.27 5.95 22.70
C ASP A 88 29.30 6.94 22.07
N TYR A 89 29.09 6.87 20.75
CA TYR A 89 28.33 7.90 20.03
C TYR A 89 26.92 7.40 19.74
N ASN A 90 26.73 6.11 19.44
CA ASN A 90 25.42 5.61 19.02
C ASN A 90 24.53 4.82 19.97
N TYR A 91 25.07 3.84 20.69
CA TYR A 91 24.27 3.02 21.59
C TYR A 91 25.17 2.61 22.74
N LYS A 92 24.85 3.05 23.95
CA LYS A 92 25.65 2.80 25.13
C LYS A 92 24.88 1.94 26.11
N LEU A 93 25.52 0.87 26.59
CA LEU A 93 24.94 0.07 27.66
C LEU A 93 25.57 0.42 29.00
N PRO A 94 24.80 0.42 30.07
CA PRO A 94 25.34 0.77 31.38
C PRO A 94 26.19 -0.35 31.95
N ASP A 95 27.08 0.03 32.87
CA ASP A 95 27.90 -0.97 33.54
C ASP A 95 27.08 -1.88 34.45
N ASP A 96 25.87 -1.46 34.82
CA ASP A 96 24.96 -2.28 35.61
C ASP A 96 23.98 -3.06 34.74
N PHE A 97 24.29 -3.24 33.45
CA PHE A 97 23.32 -3.76 32.50
C PHE A 97 22.79 -5.12 32.95
N THR A 98 21.47 -5.26 32.93
CA THR A 98 20.81 -6.52 33.29
C THR A 98 19.94 -6.90 32.10
N GLY A 99 20.53 -7.58 31.14
CA GLY A 99 19.81 -7.95 29.94
C GLY A 99 20.66 -8.82 29.04
N CYS A 100 20.24 -8.92 27.78
CA CYS A 100 20.89 -9.80 26.82
C CYS A 100 20.99 -9.11 25.47
N VAL A 101 22.06 -9.44 24.74
CA VAL A 101 22.31 -8.93 23.41
C VAL A 101 22.24 -10.09 22.43
N ILE A 102 21.28 -10.07 21.52
CA ILE A 102 21.12 -11.08 20.48
C ILE A 102 21.48 -10.43 19.15
N ALA A 103 22.36 -11.08 18.39
CA ALA A 103 22.81 -10.56 17.10
C ALA A 103 22.91 -11.70 16.10
N TRP A 104 22.62 -11.38 14.84
CA TRP A 104 22.71 -12.36 13.76
C TRP A 104 22.99 -11.63 12.45
N ASN A 105 23.72 -12.33 11.57
CA ASN A 105 24.04 -11.79 10.27
C ASN A 105 22.77 -11.54 9.47
N SER A 106 22.63 -10.30 8.97
CA SER A 106 21.49 -9.91 8.15
C SER A 106 21.86 -9.58 6.71
N ASN A 107 23.03 -10.04 6.27
CA ASN A 107 23.49 -9.75 4.91
C ASN A 107 22.51 -9.99 3.75
N LYS A 108 21.64 -11.00 3.91
CA LYS A 108 20.63 -11.27 2.87
C LYS A 108 19.49 -10.27 2.85
N LEU A 109 19.26 -9.53 3.95
CA LEU A 109 18.15 -8.58 4.03
C LEU A 109 18.60 -7.13 3.94
N ASP A 110 19.79 -6.80 4.47
CA ASP A 110 20.20 -5.41 4.60
C ASP A 110 21.31 -5.01 3.64
N SER A 111 21.98 -5.95 2.98
CA SER A 111 22.96 -5.59 1.97
C SER A 111 22.26 -5.32 0.63
N LYS A 112 22.78 -4.36 -0.11
CA LYS A 112 22.23 -4.01 -1.42
C LYS A 112 23.35 -4.02 -2.45
N VAL A 113 22.95 -3.97 -3.72
CA VAL A 113 23.90 -4.22 -4.83
C VAL A 113 25.00 -3.15 -4.84
N GLY A 114 24.62 -1.88 -4.83
CA GLY A 114 25.61 -0.83 -4.84
C GLY A 114 25.93 -0.29 -3.46
N GLY A 115 25.70 -1.11 -2.43
CA GLY A 115 25.83 -0.65 -1.07
C GLY A 115 24.48 -0.19 -0.58
N ASN A 116 24.20 -0.40 0.71
CA ASN A 116 22.94 0.02 1.31
C ASN A 116 23.31 1.26 2.11
N TYR A 117 22.98 2.43 1.58
CA TYR A 117 23.32 3.68 2.22
C TYR A 117 22.20 4.19 3.13
N ASN A 118 21.18 3.38 3.41
CA ASN A 118 20.13 3.79 4.32
C ASN A 118 20.49 3.56 5.78
N TYR A 119 21.47 2.69 6.05
CA TYR A 119 21.94 2.45 7.40
C TYR A 119 23.13 3.36 7.68
N ARG A 120 22.99 4.22 8.68
CA ARG A 120 24.03 5.16 9.07
C ARG A 120 24.45 4.91 10.51
N TYR A 121 25.47 5.66 10.94
CA TYR A 121 25.92 5.66 12.32
C TYR A 121 26.63 6.99 12.58
N ARG A 122 26.76 7.34 13.86
CA ARG A 122 27.34 8.62 14.25
C ARG A 122 28.86 8.48 14.38
N LEU A 123 29.58 9.35 13.69
CA LEU A 123 31.03 9.29 13.65
C LEU A 123 31.70 10.31 14.56
N PHE A 124 31.01 11.42 14.86
CA PHE A 124 31.56 12.51 15.65
C PHE A 124 30.54 12.96 16.68
N ARG A 125 30.98 13.11 17.93
CA ARG A 125 30.17 13.68 18.98
C ARG A 125 31.08 14.28 20.05
N LYS A 126 30.69 15.45 20.56
CA LYS A 126 31.56 16.18 21.49
C LYS A 126 31.78 15.41 22.78
N SER A 127 30.73 14.82 23.34
CA SER A 127 30.84 13.97 24.52
C SER A 127 30.20 12.63 24.24
N ASN A 128 30.56 11.64 25.05
CA ASN A 128 29.95 10.33 24.94
C ASN A 128 28.48 10.38 25.32
N LEU A 129 27.72 9.42 24.79
CA LEU A 129 26.35 9.24 25.24
C LEU A 129 26.33 8.72 26.67
N LYS A 130 25.31 9.13 27.42
CA LYS A 130 25.00 8.43 28.65
C LYS A 130 24.33 7.11 28.31
N PRO A 131 24.33 6.15 29.23
CA PRO A 131 23.70 4.85 28.95
C PRO A 131 22.25 5.00 28.50
N PHE A 132 21.90 4.29 27.43
CA PHE A 132 20.55 4.28 26.88
C PHE A 132 20.12 5.65 26.37
N GLU A 133 21.09 6.48 25.96
CA GLU A 133 20.77 7.77 25.36
C GLU A 133 20.69 7.64 23.85
N ARG A 134 19.97 8.57 23.22
CA ARG A 134 19.68 8.50 21.80
C ARG A 134 19.85 9.89 21.20
N ASP A 135 20.77 10.03 20.25
CA ASP A 135 21.07 11.30 19.61
C ASP A 135 20.84 11.15 18.11
N ILE A 136 19.76 11.77 17.61
CA ILE A 136 19.46 11.77 16.19
C ILE A 136 19.77 13.12 15.54
N SER A 137 20.53 13.98 16.22
CA SER A 137 20.87 15.28 15.66
C SER A 137 21.73 15.11 14.42
N THR A 138 21.52 16.02 13.45
CA THR A 138 22.28 16.03 12.21
C THR A 138 23.16 17.25 12.06
N GLU A 139 23.36 17.99 13.16
CA GLU A 139 24.10 19.23 13.12
C GLU A 139 25.61 19.06 12.91
N ILE A 140 26.22 20.10 12.33
CA ILE A 140 27.62 19.99 11.94
C ILE A 140 28.51 19.84 13.17
N TYR A 141 29.64 19.16 12.97
CA TYR A 141 30.64 18.93 13.99
C TYR A 141 31.81 19.89 13.78
N GLN A 142 32.41 20.32 14.88
CA GLN A 142 33.54 21.26 14.83
C GLN A 142 34.79 20.53 15.29
N ALA A 143 35.58 20.04 14.33
CA ALA A 143 36.86 19.44 14.67
C ALA A 143 37.96 20.48 14.79
N GLY A 144 37.81 21.62 14.11
CA GLY A 144 38.75 22.72 14.19
C GLY A 144 38.28 23.80 15.13
N ASN A 145 38.85 25.00 14.95
CA ASN A 145 38.51 26.15 15.77
C ASN A 145 37.75 27.20 14.99
N LYS A 146 37.36 26.90 13.74
CA LYS A 146 36.52 27.78 12.96
C LYS A 146 35.06 27.57 13.34
N PRO A 147 34.36 28.60 13.85
CA PRO A 147 32.93 28.42 14.16
C PRO A 147 32.15 28.21 12.87
N CYS A 148 31.51 27.06 12.76
CA CYS A 148 30.79 26.68 11.55
C CYS A 148 29.30 26.91 11.77
N ASN A 149 28.78 27.98 11.16
CA ASN A 149 27.40 28.40 11.34
C ASN A 149 26.57 27.51 10.41
N GLY A 150 26.28 26.30 10.90
CA GLY A 150 25.49 25.35 10.15
C GLY A 150 25.97 25.01 8.76
N VAL A 151 27.27 25.15 8.50
CA VAL A 151 27.84 24.89 7.18
C VAL A 151 28.99 23.90 7.34
N ALA A 152 28.93 22.81 6.57
CA ALA A 152 30.00 21.83 6.57
C ALA A 152 31.18 22.34 5.74
N GLY A 153 32.27 21.58 5.72
CA GLY A 153 33.42 21.99 4.93
C GLY A 153 34.77 21.47 5.39
N VAL A 154 35.75 22.37 5.37
CA VAL A 154 37.17 21.98 5.51
C VAL A 154 37.40 21.20 6.80
N ASN A 155 37.07 21.79 7.94
CA ASN A 155 37.27 21.14 9.24
C ASN A 155 35.97 20.90 10.00
N CYS A 156 34.83 21.12 9.34
CA CYS A 156 33.52 20.85 9.93
C CYS A 156 32.78 19.76 9.17
N TYR A 157 32.38 18.72 9.89
CA TYR A 157 31.92 17.48 9.31
C TYR A 157 30.43 17.30 9.53
N PHE A 158 29.80 16.59 8.60
CA PHE A 158 28.47 16.08 8.88
C PHE A 158 28.60 14.88 9.81
N PRO A 159 27.81 14.80 10.89
CA PRO A 159 28.09 13.81 11.95
C PRO A 159 27.72 12.38 11.61
N LEU A 160 26.93 12.15 10.56
CA LEU A 160 26.46 10.81 10.23
C LEU A 160 27.17 10.27 9.01
N GLN A 161 27.35 8.95 8.99
CA GLN A 161 28.03 8.27 7.90
C GLN A 161 27.32 6.96 7.59
N SER A 162 27.03 6.72 6.31
CA SER A 162 26.34 5.51 5.93
C SER A 162 27.26 4.29 6.01
N TYR A 163 26.63 3.13 6.21
CA TYR A 163 27.40 1.88 6.23
C TYR A 163 27.76 1.41 4.82
N GLY A 164 26.82 1.53 3.88
CA GLY A 164 27.04 1.03 2.53
C GLY A 164 27.25 -0.48 2.51
N PHE A 165 26.31 -1.22 3.08
CA PHE A 165 26.43 -2.67 3.15
C PHE A 165 26.36 -3.28 1.76
N ARG A 166 27.42 -4.01 1.38
CA ARG A 166 27.50 -4.67 0.09
C ARG A 166 27.68 -6.17 0.29
N PRO A 167 27.09 -7.00 -0.58
CA PRO A 167 27.27 -8.45 -0.43
C PRO A 167 28.70 -8.91 -0.65
N THR A 168 29.55 -8.07 -1.24
CA THR A 168 30.94 -8.43 -1.46
C THR A 168 31.83 -8.16 -0.25
N TYR A 169 31.28 -7.56 0.81
CA TYR A 169 32.07 -7.33 2.01
C TYR A 169 32.25 -8.64 2.77
N GLY A 170 33.32 -8.70 3.56
CA GLY A 170 33.50 -9.79 4.49
C GLY A 170 32.53 -9.69 5.65
N VAL A 171 32.49 -10.75 6.44
CA VAL A 171 31.52 -10.83 7.53
C VAL A 171 31.74 -9.74 8.58
N GLY A 172 32.96 -9.21 8.68
CA GLY A 172 33.21 -8.14 9.64
C GLY A 172 32.49 -6.86 9.29
N HIS A 173 32.39 -6.56 8.00
CA HIS A 173 31.71 -5.35 7.54
C HIS A 173 30.30 -5.63 7.03
N GLN A 174 29.82 -6.86 7.16
CA GLN A 174 28.47 -7.20 6.72
C GLN A 174 27.44 -6.76 7.77
N PRO A 175 26.20 -6.51 7.37
CA PRO A 175 25.21 -6.04 8.34
C PRO A 175 24.83 -7.13 9.33
N TYR A 176 24.64 -6.72 10.58
CA TYR A 176 24.23 -7.62 11.65
C TYR A 176 23.08 -6.97 12.41
N ARG A 177 21.95 -7.67 12.51
CA ARG A 177 20.83 -7.17 13.27
C ARG A 177 20.99 -7.53 14.73
N VAL A 178 20.76 -6.54 15.60
CA VAL A 178 21.01 -6.67 17.03
C VAL A 178 19.74 -6.30 17.78
N VAL A 179 19.30 -7.19 18.67
CA VAL A 179 18.20 -6.92 19.58
C VAL A 179 18.74 -6.97 21.01
N VAL A 180 18.51 -5.90 21.76
CA VAL A 180 18.99 -5.77 23.13
C VAL A 180 17.77 -5.79 24.05
N LEU A 181 17.60 -6.88 24.78
CA LEU A 181 16.50 -7.02 25.72
C LEU A 181 16.96 -6.56 27.10
N SER A 182 16.36 -5.48 27.59
CA SER A 182 16.63 -4.95 28.92
C SER A 182 15.56 -5.46 29.88
N PHE A 183 15.97 -6.22 30.89
CA PHE A 183 15.05 -6.78 31.88
C PHE A 183 15.03 -5.87 33.10
N GLU A 184 13.91 -5.19 33.30
CA GLU A 184 13.77 -4.20 34.35
C GLU A 184 12.98 -4.78 35.52
N LEU A 185 13.37 -4.41 36.74
CA LEU A 185 12.67 -4.82 37.96
C LEU A 185 12.29 -3.58 38.74
N LEU A 186 11.03 -3.18 38.63
CA LEU A 186 10.45 -2.10 39.41
C LEU A 186 9.44 -2.68 40.40
N HIS A 187 9.00 -1.82 41.33
CA HIS A 187 8.04 -2.26 42.33
C HIS A 187 6.67 -2.57 41.73
N ALA A 188 6.37 -2.02 40.56
CA ALA A 188 5.08 -2.28 39.94
C ALA A 188 4.92 -3.78 39.71
N PRO A 189 3.72 -4.33 39.85
CA PRO A 189 3.53 -5.77 39.71
C PRO A 189 3.97 -6.29 38.35
N ALA A 190 4.19 -7.60 38.30
CA ALA A 190 4.71 -8.25 37.10
C ALA A 190 3.73 -8.10 35.93
N THR A 191 4.22 -7.56 34.82
CA THR A 191 3.45 -7.47 33.59
C THR A 191 3.99 -8.37 32.49
N VAL A 192 5.26 -8.77 32.57
CA VAL A 192 5.84 -9.80 31.71
C VAL A 192 6.23 -10.96 32.62
N CYS A 193 5.77 -12.16 32.28
CA CYS A 193 6.08 -13.36 33.05
C CYS A 193 6.44 -14.48 32.08
N GLY A 194 6.51 -15.69 32.62
CA GLY A 194 6.86 -16.86 31.81
C GLY A 194 5.98 -18.05 32.11
N ASN B 2 11.75 12.19 9.50
CA ASN B 2 10.57 11.82 8.73
C ASN B 2 9.31 11.88 9.58
N LEU B 3 8.22 12.35 8.98
CA LEU B 3 6.97 12.54 9.71
C LEU B 3 6.36 11.20 10.10
N CYS B 4 5.48 11.25 11.11
CA CYS B 4 4.79 10.05 11.55
C CYS B 4 3.61 9.76 10.61
N PRO B 5 3.30 8.49 10.38
CA PRO B 5 2.22 8.15 9.44
C PRO B 5 0.84 8.45 10.01
N PHE B 6 0.41 9.71 9.94
CA PHE B 6 -0.93 10.09 10.35
C PHE B 6 -1.92 10.11 9.19
N ASP B 7 -1.43 10.21 7.95
CA ASP B 7 -2.33 10.17 6.80
C ASP B 7 -2.98 8.79 6.67
N GLU B 8 -2.17 7.73 6.76
CA GLU B 8 -2.71 6.38 6.66
C GLU B 8 -3.68 6.10 7.81
N VAL B 9 -3.46 6.70 8.98
CA VAL B 9 -4.36 6.50 10.10
C VAL B 9 -5.62 7.32 9.94
N PHE B 10 -5.49 8.61 9.65
CA PHE B 10 -6.62 9.51 9.62
C PHE B 10 -7.34 9.55 8.28
N ASN B 11 -6.63 9.39 7.17
CA ASN B 11 -7.23 9.54 5.85
C ASN B 11 -7.26 8.22 5.06
N ALA B 12 -7.35 7.10 5.77
CA ALA B 12 -7.54 5.82 5.09
C ALA B 12 -8.92 5.78 4.44
N THR B 13 -9.00 5.08 3.30
CA THR B 13 -10.26 5.02 2.57
C THR B 13 -11.34 4.33 3.40
N ARG B 14 -11.00 3.21 4.03
CA ARG B 14 -11.92 2.49 4.90
C ARG B 14 -11.26 2.23 6.25
N PHE B 15 -12.05 2.33 7.32
CA PHE B 15 -11.59 2.04 8.66
C PHE B 15 -11.95 0.61 9.04
N ALA B 16 -11.55 0.22 10.25
CA ALA B 16 -11.87 -1.11 10.75
C ALA B 16 -13.17 -1.08 11.54
N SER B 17 -13.81 -2.25 11.65
CA SER B 17 -14.96 -2.37 12.52
C SER B 17 -14.51 -2.22 13.97
N VAL B 18 -15.47 -1.88 14.84
CA VAL B 18 -15.09 -1.53 16.20
C VAL B 18 -14.63 -2.77 16.98
N TYR B 19 -15.29 -3.92 16.76
CA TYR B 19 -14.88 -5.13 17.45
C TYR B 19 -13.46 -5.56 17.07
N ALA B 20 -13.07 -5.34 15.81
CA ALA B 20 -11.70 -5.61 15.38
C ALA B 20 -11.19 -4.18 15.16
N TRP B 21 -10.56 -3.59 16.17
CA TRP B 21 -10.13 -2.21 16.03
C TRP B 21 -8.64 -2.38 15.70
N ASN B 22 -8.13 -1.46 14.88
CA ASN B 22 -6.75 -1.53 14.41
C ASN B 22 -5.84 -0.65 15.27
N ARG B 23 -4.66 -1.18 15.59
CA ARG B 23 -3.65 -0.46 16.36
C ARG B 23 -2.39 -0.32 15.51
N LYS B 24 -1.93 0.92 15.34
CA LYS B 24 -0.73 1.23 14.58
C LYS B 24 0.25 1.92 15.50
N ARG B 25 1.41 1.29 15.72
CA ARG B 25 2.41 1.84 16.62
C ARG B 25 3.17 2.97 15.93
N ILE B 26 3.04 4.17 16.47
CA ILE B 26 3.76 5.33 15.96
C ILE B 26 5.07 5.44 16.74
N SER B 27 6.19 5.28 16.05
CA SER B 27 7.49 5.26 16.72
C SER B 27 8.57 5.81 15.81
N ASN B 28 9.63 6.35 16.43
CA ASN B 28 10.85 6.79 15.74
C ASN B 28 10.54 7.80 14.64
N CYS B 29 9.72 8.80 14.96
CA CYS B 29 9.31 9.77 13.96
C CYS B 29 8.96 11.07 14.65
N VAL B 30 8.88 12.13 13.86
CA VAL B 30 8.47 13.44 14.36
C VAL B 30 6.97 13.59 14.13
N ALA B 31 6.22 13.74 15.22
CA ALA B 31 4.75 13.79 15.17
C ALA B 31 4.31 15.22 14.92
N ASP B 32 3.96 15.53 13.68
CA ASP B 32 3.41 16.85 13.33
C ASP B 32 1.91 16.63 13.50
N TYR B 33 1.34 17.28 14.52
CA TYR B 33 -0.09 17.18 14.78
C TYR B 33 -0.80 18.33 14.09
N SER B 34 -0.07 19.09 13.27
CA SER B 34 -0.65 20.20 12.55
C SER B 34 -1.31 19.73 11.26
N VAL B 35 -1.39 18.43 11.08
CA VAL B 35 -2.10 17.89 9.92
C VAL B 35 -3.32 17.24 10.49
N LEU B 36 -3.40 17.22 11.81
CA LEU B 36 -4.53 16.61 12.48
C LEU B 36 -5.47 17.75 12.61
N TYR B 37 -6.08 18.15 11.50
CA TYR B 37 -6.85 19.36 11.55
C TYR B 37 -8.25 19.38 11.04
N ASN B 38 -8.42 19.62 9.77
CA ASN B 38 -9.78 19.79 9.27
C ASN B 38 -10.77 18.66 9.45
N PHE B 39 -10.59 17.52 8.80
CA PHE B 39 -11.60 16.42 8.84
C PHE B 39 -13.01 16.93 8.63
N ALA B 40 -13.17 18.00 7.85
CA ALA B 40 -14.48 18.54 7.51
C ALA B 40 -15.25 19.04 8.74
N PRO B 41 -16.51 19.47 8.53
CA PRO B 41 -17.20 19.87 9.77
C PRO B 41 -17.38 18.80 10.82
N PHE B 42 -17.68 19.22 12.05
CA PHE B 42 -17.92 18.29 13.16
C PHE B 42 -16.76 17.40 13.58
N PHE B 43 -15.77 18.00 14.20
CA PHE B 43 -14.62 17.23 14.65
C PHE B 43 -14.48 17.41 16.16
N ALA B 44 -14.25 16.32 16.87
CA ALA B 44 -14.13 16.37 18.28
C ALA B 44 -12.77 15.91 18.66
N PHE B 45 -12.05 16.75 19.37
CA PHE B 45 -10.70 16.46 19.84
C PHE B 45 -10.73 16.57 21.35
N LYS B 46 -10.97 15.45 22.03
CA LYS B 46 -11.13 15.40 23.48
C LYS B 46 -9.92 14.69 24.09
N CYS B 47 -9.21 15.39 24.97
CA CYS B 47 -8.03 14.84 25.62
C CYS B 47 -8.27 14.62 27.11
N TYR B 48 -7.58 13.61 27.64
CA TYR B 48 -7.68 13.25 29.05
C TYR B 48 -6.27 13.01 29.58
N GLY B 49 -5.86 13.83 30.53
CA GLY B 49 -4.58 13.64 31.19
C GLY B 49 -3.37 14.15 30.44
N VAL B 50 -3.55 14.73 29.26
CA VAL B 50 -2.44 15.31 28.51
C VAL B 50 -2.82 16.74 28.12
N SER B 51 -1.92 17.39 27.39
CA SER B 51 -2.03 18.82 27.12
C SER B 51 -1.77 19.08 25.63
N PRO B 52 -2.80 19.51 24.89
CA PRO B 52 -2.74 19.37 23.41
C PRO B 52 -1.96 20.44 22.66
N THR B 53 -1.99 21.69 23.09
CA THR B 53 -1.23 22.70 22.37
C THR B 53 0.23 22.77 22.81
N LYS B 54 0.62 22.01 23.84
CA LYS B 54 2.02 21.71 24.07
C LYS B 54 2.36 20.29 23.65
N LEU B 55 1.42 19.58 23.02
CA LEU B 55 1.75 18.30 22.39
C LEU B 55 2.86 18.44 21.36
N ASN B 56 2.92 19.60 20.70
CA ASN B 56 4.02 19.89 19.79
C ASN B 56 5.30 20.31 20.52
N ASP B 57 5.21 20.51 21.83
CA ASP B 57 6.37 20.81 22.67
C ASP B 57 6.70 19.66 23.62
N LEU B 58 6.22 18.46 23.32
CA LEU B 58 6.43 17.29 24.18
C LEU B 58 6.96 16.13 23.36
N CYS B 59 7.98 15.46 23.89
CA CYS B 59 8.48 14.22 23.32
C CYS B 59 7.96 13.05 24.14
N PHE B 60 7.42 12.04 23.46
CA PHE B 60 6.89 10.85 24.11
C PHE B 60 7.72 9.63 23.76
N THR B 61 7.58 8.58 24.56
CA THR B 61 8.28 7.33 24.30
C THR B 61 7.61 6.56 23.15
N ASN B 62 6.27 6.51 23.14
CA ASN B 62 5.53 5.84 22.09
C ASN B 62 4.16 6.47 21.94
N VAL B 63 3.60 6.35 20.73
CA VAL B 63 2.25 6.82 20.43
C VAL B 63 1.49 5.66 19.81
N TYR B 64 0.32 5.35 20.37
CA TYR B 64 -0.54 4.29 19.88
C TYR B 64 -1.74 4.91 19.17
N ALA B 65 -1.90 4.60 17.90
CA ALA B 65 -3.03 5.09 17.11
C ALA B 65 -4.03 3.95 16.92
N ASP B 66 -5.14 4.02 17.64
CA ASP B 66 -6.23 3.07 17.49
C ASP B 66 -7.33 3.71 16.66
N SER B 67 -7.85 2.94 15.68
CA SER B 67 -8.85 3.43 14.74
C SER B 67 -9.98 2.43 14.64
N PHE B 68 -11.21 2.94 14.60
CA PHE B 68 -12.42 2.14 14.39
C PHE B 68 -13.56 3.08 14.03
N VAL B 69 -14.69 2.48 13.62
CA VAL B 69 -15.89 3.21 13.22
C VAL B 69 -17.02 2.78 14.13
N ILE B 70 -17.74 3.76 14.68
CA ILE B 70 -18.93 3.54 15.48
C ILE B 70 -20.00 4.53 15.02
N ARG B 71 -21.19 4.42 15.61
CA ARG B 71 -22.24 5.38 15.32
C ARG B 71 -22.18 6.55 16.31
N GLY B 72 -22.94 7.60 16.00
CA GLY B 72 -22.80 8.85 16.75
C GLY B 72 -23.14 8.71 18.22
N ASN B 73 -24.12 7.87 18.53
CA ASN B 73 -24.55 7.68 19.92
C ASN B 73 -23.43 7.13 20.79
N GLU B 74 -22.52 6.35 20.19
CA GLU B 74 -21.54 5.58 20.93
C GLU B 74 -20.19 6.28 21.03
N VAL B 75 -20.04 7.47 20.44
CA VAL B 75 -18.80 8.21 20.60
C VAL B 75 -18.58 8.55 22.07
N SER B 76 -19.66 8.73 22.83
CA SER B 76 -19.54 9.03 24.25
C SER B 76 -18.88 7.90 25.02
N GLN B 77 -19.03 6.66 24.56
CA GLN B 77 -18.45 5.52 25.25
C GLN B 77 -16.95 5.39 25.04
N ILE B 78 -16.39 6.08 24.05
CA ILE B 78 -14.93 6.08 23.85
C ILE B 78 -14.52 7.25 24.76
N ALA B 79 -14.35 6.93 26.04
CA ALA B 79 -13.99 7.90 27.05
C ALA B 79 -13.66 7.15 28.32
N PRO B 80 -12.78 7.67 29.18
CA PRO B 80 -12.44 6.98 30.42
C PRO B 80 -13.66 6.81 31.31
N GLY B 81 -13.85 5.59 31.81
CA GLY B 81 -14.91 5.30 32.75
C GLY B 81 -16.31 5.40 32.20
N GLN B 82 -16.56 4.78 31.05
CA GLN B 82 -17.87 4.74 30.44
C GLN B 82 -18.35 3.28 30.35
N THR B 83 -19.66 3.12 30.19
CA THR B 83 -20.27 1.80 30.10
C THR B 83 -21.26 1.78 28.95
N GLY B 84 -21.44 0.59 28.38
CA GLY B 84 -22.34 0.42 27.25
C GLY B 84 -21.86 -0.67 26.30
N ASN B 85 -22.62 -0.89 25.21
CA ASN B 85 -22.30 -1.97 24.30
C ASN B 85 -20.91 -1.83 23.68
N ILE B 86 -20.44 -0.60 23.47
CA ILE B 86 -19.13 -0.41 22.87
C ILE B 86 -18.03 -0.46 23.94
N ALA B 87 -18.25 0.24 25.05
CA ALA B 87 -17.25 0.29 26.10
C ALA B 87 -17.06 -1.06 26.78
N ASP B 88 -18.13 -1.85 26.89
CA ASP B 88 -18.06 -3.13 27.60
C ASP B 88 -17.62 -4.29 26.72
N TYR B 89 -17.96 -4.26 25.41
CA TYR B 89 -17.79 -5.42 24.55
C TYR B 89 -16.90 -5.21 23.35
N ASN B 90 -16.66 -3.96 22.92
CA ASN B 90 -15.93 -3.70 21.69
C ASN B 90 -14.63 -2.94 21.89
N TYR B 91 -14.64 -1.87 22.69
CA TYR B 91 -13.43 -1.10 22.92
C TYR B 91 -13.54 -0.42 24.26
N LYS B 92 -12.59 -0.69 25.16
CA LYS B 92 -12.61 -0.17 26.52
C LYS B 92 -11.37 0.69 26.75
N LEU B 93 -11.59 1.98 27.00
CA LEU B 93 -10.51 2.85 27.44
C LEU B 93 -10.22 2.63 28.91
N PRO B 94 -8.96 2.69 29.32
CA PRO B 94 -8.63 2.63 30.74
C PRO B 94 -9.10 3.89 31.46
N ASP B 95 -9.39 3.72 32.76
CA ASP B 95 -9.84 4.85 33.57
C ASP B 95 -8.70 5.79 33.97
N ASP B 96 -7.45 5.45 33.62
CA ASP B 96 -6.29 6.30 33.83
C ASP B 96 -5.73 6.80 32.51
N PHE B 97 -6.58 6.98 31.51
CA PHE B 97 -6.12 7.15 30.14
C PHE B 97 -5.34 8.45 29.96
N THR B 98 -4.17 8.34 29.37
CA THR B 98 -3.33 9.48 29.01
C THR B 98 -3.30 9.54 27.49
N GLY B 99 -4.20 10.33 26.91
CA GLY B 99 -4.28 10.43 25.47
C GLY B 99 -5.51 11.19 25.06
N CYS B 100 -5.76 11.20 23.74
CA CYS B 100 -6.84 11.97 23.17
C CYS B 100 -7.69 11.10 22.24
N VAL B 101 -8.94 11.49 22.08
CA VAL B 101 -9.91 10.81 21.23
C VAL B 101 -10.38 11.78 20.17
N ILE B 102 -10.08 11.48 18.91
CA ILE B 102 -10.49 12.31 17.78
C ILE B 102 -11.61 11.59 17.06
N ALA B 103 -12.78 12.22 16.99
CA ALA B 103 -13.95 11.65 16.33
C ALA B 103 -14.53 12.64 15.34
N TRP B 104 -15.00 12.14 14.21
CA TRP B 104 -15.64 12.99 13.21
C TRP B 104 -16.68 12.18 12.45
N ASN B 105 -17.70 12.89 11.95
CA ASN B 105 -18.76 12.25 11.18
C ASN B 105 -18.21 11.77 9.83
N SER B 106 -18.44 10.49 9.52
CA SER B 106 -17.94 9.88 8.30
C SER B 106 -19.03 9.52 7.30
N ASN B 107 -20.18 10.20 7.38
CA ASN B 107 -21.29 9.88 6.50
C ASN B 107 -20.94 9.79 5.02
N LYS B 108 -20.11 10.73 4.53
CA LYS B 108 -19.75 10.72 3.12
C LYS B 108 -19.00 9.46 2.72
N LEU B 109 -18.25 8.87 3.66
CA LEU B 109 -17.34 7.79 3.30
C LEU B 109 -17.82 6.42 3.73
N ASP B 110 -18.53 6.32 4.85
CA ASP B 110 -18.91 5.04 5.42
C ASP B 110 -20.39 4.75 5.36
N SER B 111 -21.19 5.63 4.76
CA SER B 111 -22.60 5.36 4.51
C SER B 111 -22.77 4.96 3.05
N LYS B 112 -23.37 3.80 2.82
CA LYS B 112 -23.63 3.33 1.48
C LYS B 112 -25.13 3.36 1.22
N VAL B 113 -25.49 3.41 -0.07
CA VAL B 113 -26.87 3.67 -0.46
C VAL B 113 -27.82 2.64 0.15
N GLY B 114 -27.47 1.36 0.06
CA GLY B 114 -28.32 0.36 0.67
C GLY B 114 -28.03 0.07 2.13
N GLY B 115 -27.16 0.86 2.76
CA GLY B 115 -26.64 0.52 4.06
C GLY B 115 -25.27 -0.11 3.88
N ASN B 116 -24.32 0.24 4.75
CA ASN B 116 -22.95 -0.29 4.66
C ASN B 116 -22.91 -1.40 5.71
N TYR B 117 -23.06 -2.64 5.26
CA TYR B 117 -23.07 -3.81 6.14
C TYR B 117 -21.67 -4.33 6.43
N ASN B 118 -20.62 -3.63 5.99
CA ASN B 118 -19.25 -4.07 6.27
C ASN B 118 -18.83 -3.73 7.70
N TYR B 119 -19.34 -2.63 8.25
CA TYR B 119 -19.03 -2.26 9.62
C TYR B 119 -19.93 -3.01 10.58
N ARG B 120 -19.32 -3.69 11.55
CA ARG B 120 -20.06 -4.47 12.53
C ARG B 120 -19.61 -4.11 13.94
N TYR B 121 -20.39 -4.57 14.91
CA TYR B 121 -20.09 -4.37 16.33
C TYR B 121 -20.62 -5.56 17.11
N ARG B 122 -19.94 -5.88 18.20
CA ARG B 122 -20.32 -7.03 19.03
C ARG B 122 -21.54 -6.65 19.86
N LEU B 123 -22.61 -7.43 19.75
CA LEU B 123 -23.83 -7.11 20.46
C LEU B 123 -23.79 -7.63 21.90
N PHE B 124 -23.15 -8.77 22.13
CA PHE B 124 -23.08 -9.37 23.46
C PHE B 124 -21.80 -10.16 23.63
N ARG B 125 -21.19 -10.02 24.81
CA ARG B 125 -20.05 -10.80 25.25
C ARG B 125 -20.36 -11.33 26.64
N LYS B 126 -19.68 -12.41 27.03
CA LYS B 126 -19.92 -12.99 28.35
C LYS B 126 -19.46 -12.05 29.46
N SER B 127 -18.18 -11.70 29.45
CA SER B 127 -17.62 -10.74 30.38
C SER B 127 -17.31 -9.43 29.66
N ASN B 128 -17.23 -8.35 30.44
CA ASN B 128 -16.81 -7.08 29.89
C ASN B 128 -15.35 -7.13 29.46
N LEU B 129 -14.99 -6.24 28.54
CA LEU B 129 -13.61 -6.17 28.10
C LEU B 129 -12.74 -5.56 29.18
N LYS B 130 -11.49 -6.02 29.24
CA LYS B 130 -10.48 -5.28 29.96
C LYS B 130 -9.95 -4.16 29.06
N PRO B 131 -9.36 -3.12 29.64
CA PRO B 131 -8.84 -2.01 28.82
C PRO B 131 -7.91 -2.49 27.71
N PHE B 132 -8.17 -2.02 26.49
CA PHE B 132 -7.34 -2.29 25.33
C PHE B 132 -7.33 -3.76 24.96
N GLU B 133 -8.42 -4.46 25.23
CA GLU B 133 -8.60 -5.85 24.81
C GLU B 133 -9.42 -5.89 23.52
N ARG B 134 -9.23 -6.96 22.76
CA ARG B 134 -9.84 -7.09 21.44
C ARG B 134 -10.34 -8.52 21.27
N ASP B 135 -11.64 -8.66 21.08
CA ASP B 135 -12.27 -9.96 20.84
C ASP B 135 -12.73 -10.02 19.40
N ILE B 136 -12.13 -10.90 18.61
CA ILE B 136 -12.47 -11.00 17.21
C ILE B 136 -13.11 -12.33 16.96
N SER B 137 -13.54 -12.95 18.02
CA SER B 137 -14.21 -14.22 17.90
C SER B 137 -15.59 -14.13 17.28
N THR B 138 -16.03 -15.20 16.63
CA THR B 138 -17.35 -15.24 16.02
C THR B 138 -18.00 -16.49 16.50
N GLU B 139 -18.18 -16.62 17.80
CA GLU B 139 -18.75 -17.82 18.36
C GLU B 139 -20.05 -17.54 19.07
N ILE B 140 -21.06 -18.34 18.80
CA ILE B 140 -22.39 -18.11 19.36
C ILE B 140 -22.35 -17.70 20.81
N TYR B 141 -22.95 -16.57 21.13
CA TYR B 141 -23.00 -16.14 22.53
C TYR B 141 -24.17 -16.90 23.15
N GLN B 142 -23.93 -17.51 24.30
CA GLN B 142 -24.96 -18.27 25.03
C GLN B 142 -25.60 -17.35 26.06
N ALA B 143 -26.89 -17.10 25.91
CA ALA B 143 -27.62 -16.24 26.83
C ALA B 143 -28.28 -17.05 27.94
N ASN B 145 -30.47 -23.33 27.27
CA ASN B 145 -29.19 -22.83 27.74
C ASN B 145 -28.10 -23.87 27.52
N LYS B 146 -28.18 -24.58 26.40
CA LYS B 146 -27.23 -25.61 25.99
C LYS B 146 -26.09 -25.02 25.15
N PRO B 147 -25.10 -25.82 24.73
CA PRO B 147 -24.05 -25.25 23.87
C PRO B 147 -24.86 -24.55 22.79
N CYS B 148 -24.64 -23.25 22.63
CA CYS B 148 -25.34 -22.46 21.63
C CYS B 148 -24.36 -22.39 20.45
N ASN B 155 -32.43 -17.77 22.31
CA ASN B 155 -31.50 -17.69 23.44
C ASN B 155 -30.06 -17.90 22.98
N CYS B 156 -29.90 -18.31 21.73
CA CYS B 156 -28.59 -18.54 21.11
C CYS B 156 -28.44 -17.58 19.93
N TYR B 157 -27.50 -16.66 20.02
CA TYR B 157 -27.33 -15.64 18.99
C TYR B 157 -25.90 -15.56 18.51
N PHE B 158 -25.74 -15.21 17.24
CA PHE B 158 -24.43 -14.88 16.70
C PHE B 158 -23.99 -13.53 17.28
N PRO B 159 -22.73 -13.39 17.71
CA PRO B 159 -22.38 -12.20 18.52
C PRO B 159 -22.33 -10.90 17.74
N LEU B 160 -21.95 -10.93 16.45
CA LEU B 160 -21.71 -9.71 15.71
C LEU B 160 -22.97 -9.23 15.00
N GLN B 161 -23.11 -7.90 14.93
CA GLN B 161 -24.25 -7.24 14.30
C GLN B 161 -23.75 -6.11 13.41
N SER B 162 -24.37 -5.96 12.25
CA SER B 162 -23.97 -4.92 11.31
C SER B 162 -24.58 -3.57 11.71
N TYR B 163 -23.87 -2.50 11.38
CA TYR B 163 -24.39 -1.15 11.59
C TYR B 163 -25.38 -0.77 10.50
N GLY B 164 -25.09 -1.13 9.25
CA GLY B 164 -25.99 -0.78 8.15
C GLY B 164 -26.10 0.70 7.93
N PHE B 165 -24.98 1.41 7.94
CA PHE B 165 -24.97 2.87 7.81
C PHE B 165 -25.63 3.31 6.51
N ARG B 166 -26.72 4.06 6.66
CA ARG B 166 -27.49 4.59 5.54
C ARG B 166 -27.39 6.10 5.48
N PRO B 167 -27.38 6.69 4.29
CA PRO B 167 -27.41 8.16 4.20
C PRO B 167 -28.67 8.76 4.79
N THR B 168 -29.76 8.00 4.84
CA THR B 168 -31.01 8.47 5.40
C THR B 168 -31.05 8.38 6.92
N TYR B 169 -29.98 7.93 7.57
CA TYR B 169 -29.94 7.81 9.01
C TYR B 169 -29.82 9.19 9.67
N GLY B 170 -30.14 9.22 10.96
CA GLY B 170 -29.88 10.40 11.75
C GLY B 170 -28.46 10.43 12.29
N VAL B 171 -28.05 11.61 12.75
CA VAL B 171 -26.68 11.81 13.22
C VAL B 171 -26.32 10.78 14.29
N GLY B 172 -27.27 10.45 15.16
CA GLY B 172 -27.01 9.48 16.21
C GLY B 172 -26.64 8.10 15.69
N HIS B 173 -27.15 7.73 14.53
CA HIS B 173 -26.88 6.43 13.92
C HIS B 173 -25.91 6.51 12.75
N GLN B 174 -25.49 7.71 12.36
CA GLN B 174 -24.58 7.86 11.25
C GLN B 174 -23.18 7.39 11.62
N PRO B 175 -22.37 7.00 10.63
CA PRO B 175 -21.02 6.51 10.94
C PRO B 175 -20.13 7.62 11.47
N TYR B 176 -19.33 7.28 12.47
CA TYR B 176 -18.38 8.21 13.08
C TYR B 176 -17.04 7.50 13.19
N ARG B 177 -16.00 8.10 12.60
CA ARG B 177 -14.66 7.56 12.67
C ARG B 177 -13.95 8.08 13.92
N VAL B 178 -13.26 7.18 14.61
CA VAL B 178 -12.64 7.47 15.90
C VAL B 178 -11.18 7.07 15.82
N VAL B 179 -10.28 8.00 16.17
CA VAL B 179 -8.86 7.73 16.33
C VAL B 179 -8.48 8.05 17.76
N VAL B 180 -8.04 7.03 18.50
CA VAL B 180 -7.66 7.19 19.89
C VAL B 180 -6.13 7.15 19.95
N LEU B 181 -5.52 8.28 20.29
CA LEU B 181 -4.07 8.39 20.39
C LEU B 181 -3.67 8.19 21.85
N SER B 182 -2.94 7.10 22.12
CA SER B 182 -2.42 6.80 23.45
C SER B 182 -0.98 7.27 23.53
N PHE B 183 -0.68 8.17 24.46
CA PHE B 183 0.62 8.80 24.57
C PHE B 183 1.42 8.16 25.69
N GLU B 184 2.59 7.62 25.34
CA GLU B 184 3.47 6.93 26.29
C GLU B 184 2.74 5.85 27.08
N THR B 191 10.80 8.27 21.76
CA THR B 191 11.35 8.13 20.41
C THR B 191 10.43 8.82 19.40
N VAL B 192 9.27 9.27 19.88
CA VAL B 192 8.31 10.01 19.09
C VAL B 192 8.19 11.41 19.68
N CYS B 193 8.32 12.43 18.85
CA CYS B 193 8.29 13.79 19.37
C CYS B 193 7.85 14.77 18.30
N GLY B 194 7.16 15.82 18.73
CA GLY B 194 6.76 16.89 17.84
C GLY B 194 7.83 17.96 17.72
N GLU C 1 -6.83 5.00 -15.68
CA GLU C 1 -7.37 5.70 -14.53
C GLU C 1 -8.75 5.15 -14.16
N VAL C 2 -9.54 5.96 -13.46
CA VAL C 2 -10.90 5.61 -13.12
C VAL C 2 -11.80 5.94 -14.30
N ARG C 3 -12.61 4.98 -14.72
CA ARG C 3 -13.37 5.14 -15.96
C ARG C 3 -14.64 4.31 -15.91
N LEU C 4 -15.66 4.79 -16.63
CA LEU C 4 -16.88 4.06 -16.89
C LEU C 4 -17.13 4.05 -18.40
N LEU C 5 -17.51 2.90 -18.94
CA LEU C 5 -17.74 2.73 -20.37
C LEU C 5 -19.05 2.00 -20.59
N GLU C 6 -20.02 2.69 -21.17
CA GLU C 6 -21.30 2.08 -21.51
C GLU C 6 -21.24 1.47 -22.91
N SER C 7 -22.18 0.57 -23.17
CA SER C 7 -22.31 -0.08 -24.48
C SER C 7 -23.66 -0.79 -24.53
N GLY C 8 -23.99 -1.29 -25.72
CA GLY C 8 -25.18 -2.08 -25.92
C GLY C 8 -26.35 -1.36 -26.57
N GLY C 9 -26.21 -0.07 -26.86
CA GLY C 9 -27.30 0.69 -27.43
C GLY C 9 -27.45 0.49 -28.92
N GLY C 10 -28.55 1.00 -29.46
CA GLY C 10 -28.83 0.87 -30.87
C GLY C 10 -30.29 1.15 -31.16
N LEU C 11 -30.67 0.91 -32.41
CA LEU C 11 -32.06 1.05 -32.82
C LEU C 11 -32.86 -0.17 -32.39
N VAL C 12 -33.97 0.06 -31.70
CA VAL C 12 -34.88 -1.00 -31.26
C VAL C 12 -36.28 -0.63 -31.71
N GLN C 13 -37.09 -1.65 -31.95
CA GLN C 13 -38.47 -1.35 -32.29
C GLN C 13 -39.31 -1.19 -31.02
N PRO C 14 -40.36 -0.38 -31.08
CA PRO C 14 -41.25 -0.24 -29.92
C PRO C 14 -41.78 -1.60 -29.46
N GLY C 15 -41.96 -1.73 -28.15
CA GLY C 15 -42.30 -3.01 -27.56
C GLY C 15 -41.15 -3.99 -27.46
N GLY C 16 -39.97 -3.63 -27.97
CA GLY C 16 -38.83 -4.52 -27.96
C GLY C 16 -38.03 -4.46 -26.67
N SER C 17 -36.86 -5.08 -26.71
CA SER C 17 -35.99 -5.17 -25.54
C SER C 17 -34.56 -4.81 -25.92
N LEU C 18 -33.78 -4.45 -24.91
CA LEU C 18 -32.38 -4.13 -25.10
C LEU C 18 -31.67 -4.23 -23.76
N ARG C 19 -30.43 -4.72 -23.78
CA ARG C 19 -29.61 -4.83 -22.58
C ARG C 19 -28.42 -3.91 -22.73
N LEU C 20 -28.25 -3.00 -21.78
CA LEU C 20 -27.13 -2.07 -21.77
C LEU C 20 -26.07 -2.55 -20.78
N SER C 21 -24.81 -2.29 -21.11
CA SER C 21 -23.69 -2.70 -20.30
C SER C 21 -22.87 -1.49 -19.89
N CYS C 22 -22.24 -1.58 -18.71
CA CYS C 22 -21.38 -0.52 -18.20
C CYS C 22 -20.17 -1.19 -17.57
N ALA C 23 -18.99 -0.88 -18.08
CA ALA C 23 -17.74 -1.48 -17.63
C ALA C 23 -16.97 -0.49 -16.78
N ALA C 24 -16.57 -0.93 -15.59
CA ALA C 24 -15.88 -0.07 -14.63
C ALA C 24 -14.41 -0.46 -14.56
N SER C 25 -13.57 0.55 -14.32
CA SER C 25 -12.14 0.32 -14.22
C SER C 25 -11.53 1.39 -13.33
N GLY C 26 -10.44 1.02 -12.64
CA GLY C 26 -9.66 1.96 -11.86
C GLY C 26 -10.08 2.12 -10.41
N PHE C 27 -11.17 1.48 -10.00
CA PHE C 27 -11.65 1.59 -8.62
C PHE C 27 -12.28 0.27 -8.21
N THR C 28 -12.52 0.14 -6.90
CA THR C 28 -13.15 -1.05 -6.34
C THR C 28 -14.64 -0.99 -6.68
N PHE C 29 -15.01 -1.65 -7.78
CA PHE C 29 -16.40 -1.62 -8.23
C PHE C 29 -17.34 -2.24 -7.21
N ASN C 30 -16.84 -3.18 -6.40
CA ASN C 30 -17.68 -3.94 -5.47
C ASN C 30 -18.10 -3.14 -4.25
N ASP C 31 -17.64 -1.90 -4.08
CA ASP C 31 -17.90 -1.14 -2.87
C ASP C 31 -18.86 0.04 -3.06
N TYR C 32 -19.25 0.35 -4.30
CA TYR C 32 -20.01 1.56 -4.58
C TYR C 32 -21.31 1.24 -5.31
N ALA C 33 -22.34 2.02 -5.01
CA ALA C 33 -23.60 1.91 -5.73
C ALA C 33 -23.44 2.42 -7.15
N MET C 34 -24.18 1.81 -8.07
CA MET C 34 -24.16 2.18 -9.47
C MET C 34 -25.55 2.66 -9.90
N SER C 35 -25.57 3.61 -10.82
CA SER C 35 -26.82 4.20 -11.27
C SER C 35 -26.80 4.39 -12.78
N TRP C 36 -27.99 4.42 -13.35
CA TRP C 36 -28.20 4.76 -14.76
C TRP C 36 -28.94 6.09 -14.84
N VAL C 37 -28.36 7.04 -15.58
CA VAL C 37 -29.01 8.31 -15.86
C VAL C 37 -29.08 8.47 -17.37
N ARG C 38 -30.25 8.88 -17.88
CA ARG C 38 -30.46 9.04 -19.30
C ARG C 38 -30.84 10.48 -19.64
N GLN C 39 -30.63 10.85 -20.90
CA GLN C 39 -30.92 12.18 -21.39
C GLN C 39 -31.54 12.06 -22.78
N ALA C 40 -32.84 12.35 -22.88
CA ALA C 40 -33.49 12.34 -24.18
C ALA C 40 -32.86 13.39 -25.10
N PRO C 41 -32.92 13.19 -26.42
CA PRO C 41 -32.27 14.13 -27.34
C PRO C 41 -32.81 15.54 -27.20
N GLY C 42 -31.92 16.49 -26.93
CA GLY C 42 -32.29 17.88 -26.77
C GLY C 42 -32.87 18.26 -25.43
N GLU C 43 -33.06 17.31 -24.53
CA GLU C 43 -33.67 17.60 -23.24
C GLU C 43 -32.65 17.39 -22.12
N GLY C 44 -33.14 17.24 -20.89
CA GLY C 44 -32.30 17.22 -19.71
C GLY C 44 -32.11 15.82 -19.13
N LEU C 45 -31.35 15.79 -18.03
CA LEU C 45 -30.99 14.54 -17.38
C LEU C 45 -32.17 13.96 -16.59
N GLU C 46 -32.31 12.64 -16.66
CA GLU C 46 -33.36 11.93 -15.93
C GLU C 46 -32.76 10.70 -15.27
N TRP C 47 -32.96 10.56 -13.96
CA TRP C 47 -32.46 9.40 -13.25
C TRP C 47 -33.30 8.15 -13.47
N VAL C 48 -32.66 7.09 -13.97
CA VAL C 48 -33.38 5.87 -14.31
C VAL C 48 -33.38 4.71 -13.33
N SER C 49 -32.24 4.42 -12.72
CA SER C 49 -32.19 3.36 -11.74
C SER C 49 -30.88 3.44 -10.95
N THR C 50 -30.87 2.82 -9.78
CA THR C 50 -29.70 2.77 -8.91
C THR C 50 -29.67 1.41 -8.22
N ILE C 51 -28.49 0.84 -8.10
CA ILE C 51 -28.30 -0.47 -7.47
C ILE C 51 -27.24 -0.35 -6.39
N SER C 52 -27.49 -0.99 -5.24
CA SER C 52 -26.54 -0.94 -4.14
C SER C 52 -25.26 -1.66 -4.51
N TYR C 53 -24.23 -1.48 -3.68
CA TYR C 53 -22.90 -2.01 -4.02
C TYR C 53 -22.91 -3.53 -4.10
N SER C 54 -23.72 -4.18 -3.26
CA SER C 54 -23.83 -5.63 -3.29
C SER C 54 -24.88 -6.12 -4.28
N GLY C 55 -25.77 -5.25 -4.74
CA GLY C 55 -26.85 -5.65 -5.61
C GLY C 55 -28.12 -6.05 -4.90
N GLY C 56 -28.15 -6.00 -3.57
CA GLY C 56 -29.32 -6.41 -2.81
C GLY C 56 -30.43 -5.39 -2.74
N SER C 57 -30.19 -4.16 -3.19
CA SER C 57 -31.21 -3.12 -3.20
C SER C 57 -31.22 -2.44 -4.56
N THR C 58 -32.38 -2.41 -5.20
CA THR C 58 -32.56 -1.78 -6.50
C THR C 58 -33.63 -0.70 -6.41
N TYR C 59 -33.40 0.39 -7.12
CA TYR C 59 -34.28 1.55 -7.10
C TYR C 59 -34.54 1.99 -8.53
N TYR C 60 -35.80 2.30 -8.84
CA TYR C 60 -36.20 2.61 -10.20
C TYR C 60 -37.08 3.85 -10.21
N ALA C 61 -36.97 4.62 -11.30
CA ALA C 61 -37.85 5.76 -11.52
C ALA C 61 -39.26 5.28 -11.88
N ASP C 62 -40.24 6.15 -11.64
CA ASP C 62 -41.63 5.78 -11.87
C ASP C 62 -41.92 5.58 -13.35
N SER C 63 -41.36 6.42 -14.22
CA SER C 63 -41.56 6.26 -15.66
C SER C 63 -40.95 4.97 -16.19
N VAL C 64 -40.23 4.24 -15.37
CA VAL C 64 -39.48 3.06 -15.83
C VAL C 64 -39.75 1.81 -15.01
N LYS C 65 -40.24 1.95 -13.78
CA LYS C 65 -40.55 0.82 -12.90
C LYS C 65 -41.42 -0.20 -13.61
N GLY C 66 -41.13 -1.48 -13.35
CA GLY C 66 -41.87 -2.58 -13.94
C GLY C 66 -41.41 -2.99 -15.31
N ARG C 67 -40.57 -2.21 -15.97
CA ARG C 67 -40.06 -2.53 -17.29
C ARG C 67 -38.56 -2.51 -17.44
N PHE C 68 -37.82 -2.06 -16.43
CA PHE C 68 -36.37 -2.03 -16.47
C PHE C 68 -35.93 -2.82 -15.25
N THR C 69 -34.77 -3.46 -15.36
CA THR C 69 -34.17 -4.20 -14.25
C THR C 69 -32.68 -3.87 -14.23
N ILE C 70 -32.22 -3.31 -13.12
CA ILE C 70 -30.81 -2.98 -12.95
C ILE C 70 -30.12 -4.15 -12.25
N SER C 71 -28.89 -4.43 -12.66
CA SER C 71 -28.15 -5.56 -12.14
C SER C 71 -26.66 -5.32 -12.31
N ARG C 72 -25.87 -6.13 -11.63
CA ARG C 72 -24.43 -5.96 -11.62
C ARG C 72 -23.77 -7.32 -11.45
N ASP C 73 -22.60 -7.47 -12.06
CA ASP C 73 -21.75 -8.64 -11.88
C ASP C 73 -20.46 -8.14 -11.23
N ASN C 74 -20.39 -8.23 -9.91
CA ASN C 74 -19.23 -7.70 -9.19
C ASN C 74 -17.95 -8.44 -9.56
N SER C 75 -18.06 -9.70 -10.00
CA SER C 75 -16.87 -10.45 -10.39
C SER C 75 -16.28 -9.94 -11.70
N LYS C 76 -17.12 -9.36 -12.57
CA LYS C 76 -16.69 -8.83 -13.85
C LYS C 76 -16.59 -7.31 -13.87
N ASN C 77 -16.89 -6.64 -12.75
CA ASN C 77 -16.93 -5.18 -12.69
C ASN C 77 -17.85 -4.62 -13.77
N MET C 78 -19.07 -5.16 -13.84
CA MET C 78 -20.02 -4.81 -14.89
C MET C 78 -21.34 -4.38 -14.27
N LEU C 79 -21.93 -3.34 -14.85
CA LEU C 79 -23.27 -2.89 -14.51
C LEU C 79 -24.17 -3.11 -15.72
N TYR C 80 -25.40 -3.59 -15.47
CA TYR C 80 -26.32 -3.92 -16.55
C TYR C 80 -27.64 -3.19 -16.35
N LEU C 81 -28.38 -3.05 -17.46
CA LEU C 81 -29.73 -2.50 -17.45
C LEU C 81 -30.55 -3.26 -18.48
N GLN C 82 -31.46 -4.11 -18.01
CA GLN C 82 -32.38 -4.83 -18.88
C GLN C 82 -33.63 -3.97 -19.09
N MET C 83 -33.94 -3.70 -20.35
CA MET C 83 -35.03 -2.79 -20.70
C MET C 83 -36.04 -3.55 -21.56
N ASN C 84 -37.17 -3.92 -20.96
CA ASN C 84 -38.27 -4.56 -21.66
C ASN C 84 -39.38 -3.56 -21.95
N SER C 85 -40.26 -3.93 -22.88
CA SER C 85 -41.42 -3.12 -23.25
C SER C 85 -40.99 -1.69 -23.61
N LEU C 86 -39.99 -1.59 -24.47
CA LEU C 86 -39.42 -0.29 -24.80
C LEU C 86 -40.44 0.61 -25.47
N ARG C 87 -40.41 1.88 -25.10
CA ARG C 87 -41.29 2.89 -25.67
C ARG C 87 -40.45 3.95 -26.37
N ALA C 88 -41.10 4.71 -27.24
CA ALA C 88 -40.40 5.79 -27.94
C ALA C 88 -39.87 6.85 -26.97
N GLU C 89 -40.53 7.01 -25.82
CA GLU C 89 -40.07 7.96 -24.82
C GLU C 89 -38.81 7.49 -24.10
N ASP C 90 -38.39 6.24 -24.31
CA ASP C 90 -37.15 5.73 -23.74
C ASP C 90 -35.94 6.06 -24.60
N THR C 91 -36.16 6.74 -25.71
CA THR C 91 -35.05 7.19 -26.55
C THR C 91 -34.23 8.18 -25.75
N ALA C 92 -32.94 7.90 -25.61
CA ALA C 92 -32.05 8.76 -24.84
C ALA C 92 -30.63 8.23 -24.94
N LEU C 93 -29.69 9.11 -24.63
CA LEU C 93 -28.33 8.68 -24.34
C LEU C 93 -28.25 8.24 -22.88
N TYR C 94 -27.83 7.00 -22.66
CA TYR C 94 -27.88 6.38 -21.33
C TYR C 94 -26.48 6.39 -20.71
N TYR C 95 -26.35 7.08 -19.59
CA TYR C 95 -25.11 7.12 -18.82
C TYR C 95 -25.19 6.15 -17.65
N CYS C 96 -24.05 5.57 -17.29
CA CYS C 96 -23.89 4.99 -15.97
C CYS C 96 -23.02 5.92 -15.13
N ALA C 97 -23.37 6.05 -13.85
CA ALA C 97 -22.74 7.05 -12.99
C ALA C 97 -22.36 6.40 -11.67
N ASN C 98 -21.42 7.05 -10.98
CA ASN C 98 -20.86 6.51 -9.76
C ASN C 98 -20.58 7.66 -8.79
N GLY C 99 -20.27 7.30 -7.54
CA GLY C 99 -19.93 8.29 -6.54
C GLY C 99 -18.63 7.99 -5.82
N VAL C 100 -17.57 7.74 -6.58
CA VAL C 100 -16.28 7.38 -6.00
C VAL C 100 -15.74 8.53 -5.16
N ALA C 101 -15.67 9.73 -5.75
CA ALA C 101 -14.95 10.85 -5.15
C ALA C 101 -15.73 11.53 -4.04
N THR C 102 -17.05 11.60 -4.15
CA THR C 102 -17.84 12.36 -3.19
C THR C 102 -18.48 11.46 -2.15
N ALA C 103 -19.58 10.81 -2.51
CA ALA C 103 -20.30 9.91 -1.60
C ALA C 103 -21.10 8.93 -2.45
N ASP C 104 -21.61 7.89 -1.79
CA ASP C 104 -22.19 6.75 -2.51
C ASP C 104 -23.45 7.15 -3.28
N TRP C 105 -24.12 8.23 -2.87
CA TRP C 105 -25.42 8.60 -3.47
C TRP C 105 -25.33 9.81 -4.39
N TYR C 106 -24.12 10.20 -4.81
CA TYR C 106 -23.94 11.27 -5.79
C TYR C 106 -23.35 10.72 -7.07
N PHE C 107 -23.34 11.55 -8.11
CA PHE C 107 -22.78 11.20 -9.42
C PHE C 107 -21.63 12.19 -9.55
N ASP C 108 -20.40 11.72 -9.33
CA ASP C 108 -19.23 12.54 -9.59
C ASP C 108 -18.45 11.89 -10.72
N LEU C 109 -18.73 10.63 -11.02
CA LEU C 109 -18.06 9.89 -12.09
C LEU C 109 -19.09 9.44 -13.11
N TRP C 110 -18.87 9.78 -14.38
CA TRP C 110 -19.77 9.43 -15.46
C TRP C 110 -18.99 8.71 -16.55
N GLY C 111 -19.73 8.05 -17.44
CA GLY C 111 -19.18 7.45 -18.63
C GLY C 111 -19.33 8.36 -19.84
N ARG C 112 -19.23 7.75 -21.02
CA ARG C 112 -19.47 8.47 -22.26
C ARG C 112 -20.91 8.40 -22.71
N GLY C 113 -21.65 7.38 -22.27
CA GLY C 113 -23.02 7.20 -22.67
C GLY C 113 -23.14 6.25 -23.86
N THR C 114 -24.29 5.59 -23.94
CA THR C 114 -24.62 4.75 -25.08
C THR C 114 -26.04 5.09 -25.51
N LEU C 115 -26.24 5.27 -26.80
CA LEU C 115 -27.48 5.80 -27.32
C LEU C 115 -28.48 4.67 -27.58
N VAL C 116 -29.69 4.84 -27.07
CA VAL C 116 -30.80 3.92 -27.31
C VAL C 116 -31.88 4.66 -28.08
N THR C 117 -32.22 4.14 -29.26
CA THR C 117 -33.23 4.75 -30.13
C THR C 117 -34.39 3.78 -30.29
N VAL C 118 -35.57 4.20 -29.84
CA VAL C 118 -36.78 3.40 -29.92
C VAL C 118 -37.75 4.14 -30.85
N SER C 119 -37.84 3.70 -32.10
CA SER C 119 -38.73 4.33 -33.06
C SER C 119 -39.05 3.32 -34.15
N SER C 120 -39.91 3.74 -35.07
CA SER C 120 -40.33 2.90 -36.18
C SER C 120 -39.88 3.50 -37.51
N ALA C 123 -39.77 16.67 -12.15
CA ALA C 123 -38.53 17.41 -12.27
C ALA C 123 -38.57 18.66 -11.40
N LEU C 124 -37.49 18.91 -10.67
CA LEU C 124 -37.37 20.12 -9.88
C LEU C 124 -37.40 21.33 -10.79
N THR C 125 -38.00 22.42 -10.30
CA THR C 125 -38.27 23.58 -11.16
C THR C 125 -37.06 24.52 -11.15
N GLN C 126 -36.47 24.72 -12.32
CA GLN C 126 -35.39 25.66 -12.54
C GLN C 126 -35.82 26.68 -13.58
N PRO C 127 -35.24 27.88 -13.57
CA PRO C 127 -35.49 28.80 -14.68
C PRO C 127 -34.98 28.20 -15.98
N ARG C 128 -35.80 28.30 -17.03
CA ARG C 128 -35.44 27.68 -18.30
C ARG C 128 -34.13 28.23 -18.83
N SER C 129 -33.86 29.51 -18.60
CA SER C 129 -32.60 30.12 -19.05
C SER C 129 -32.30 31.34 -18.20
N VAL C 130 -31.01 31.60 -18.00
CA VAL C 130 -30.54 32.85 -17.42
C VAL C 130 -29.37 33.35 -18.25
N SER C 131 -29.26 34.67 -18.34
CA SER C 131 -28.16 35.32 -19.04
C SER C 131 -27.47 36.30 -18.10
N GLY C 132 -26.15 36.45 -18.30
CA GLY C 132 -25.37 37.34 -17.46
C GLY C 132 -24.18 37.87 -18.23
N SER C 133 -23.63 38.97 -17.73
CA SER C 133 -22.48 39.59 -18.36
C SER C 133 -21.19 39.06 -17.76
N PRO C 134 -20.10 39.07 -18.52
CA PRO C 134 -18.82 38.60 -17.99
C PRO C 134 -18.39 39.44 -16.79
N GLY C 135 -17.72 38.78 -15.83
CA GLY C 135 -17.32 39.41 -14.60
C GLY C 135 -18.42 39.66 -13.59
N GLN C 136 -19.68 39.40 -13.95
CA GLN C 136 -20.82 39.59 -13.06
C GLN C 136 -21.10 38.30 -12.30
N SER C 137 -22.19 38.30 -11.53
CA SER C 137 -22.63 37.13 -10.77
C SER C 137 -24.03 36.74 -11.22
N VAL C 138 -24.27 35.43 -11.29
CA VAL C 138 -25.58 34.90 -11.64
C VAL C 138 -25.93 33.81 -10.63
N THR C 139 -27.22 33.60 -10.44
CA THR C 139 -27.71 32.61 -9.48
C THR C 139 -28.81 31.78 -10.12
N ILE C 140 -28.56 30.48 -10.21
CA ILE C 140 -29.54 29.52 -10.70
C ILE C 140 -30.25 28.91 -9.51
N SER C 141 -31.58 28.95 -9.53
CA SER C 141 -32.40 28.49 -8.42
C SER C 141 -33.01 27.11 -8.74
N CYS C 142 -33.25 26.33 -7.70
CA CYS C 142 -33.78 24.97 -7.80
C CYS C 142 -34.91 25.03 -6.78
N THR C 143 -36.14 24.81 -7.23
CA THR C 143 -37.31 24.87 -6.36
C THR C 143 -37.95 23.49 -6.51
N GLY C 144 -37.92 22.71 -5.43
CA GLY C 144 -38.56 21.41 -5.41
C GLY C 144 -39.53 21.30 -4.26
N THR C 145 -39.93 20.08 -3.93
CA THR C 145 -40.84 19.85 -2.84
C THR C 145 -40.09 19.65 -1.53
N SER C 146 -40.79 19.24 -0.50
CA SER C 146 -40.15 19.02 0.76
C SER C 146 -39.71 17.60 0.87
N SER C 147 -39.97 16.81 -0.15
CA SER C 147 -39.59 15.42 -0.14
C SER C 147 -38.18 15.28 -0.60
N ASP C 148 -37.75 16.24 -1.40
CA ASP C 148 -36.42 16.17 -1.94
C ASP C 148 -35.50 17.28 -1.44
N VAL C 149 -35.51 18.44 -2.08
CA VAL C 149 -34.66 19.56 -1.71
C VAL C 149 -34.87 20.00 -0.27
N GLY C 150 -36.11 20.02 0.17
CA GLY C 150 -36.40 20.38 1.54
C GLY C 150 -36.48 19.24 2.51
N GLY C 151 -36.11 18.04 2.07
CA GLY C 151 -36.07 16.89 2.94
C GLY C 151 -34.70 16.59 3.45
N TYR C 152 -33.85 16.10 2.58
CA TYR C 152 -32.48 15.83 2.96
C TYR C 152 -31.60 16.93 2.41
N ASN C 153 -30.33 16.94 2.80
CA ASN C 153 -29.43 17.98 2.38
C ASN C 153 -28.51 17.37 1.40
N TYR C 154 -29.06 16.50 0.59
CA TYR C 154 -28.24 15.81 -0.36
C TYR C 154 -28.48 16.41 -1.73
N VAL C 155 -28.22 17.70 -1.82
CA VAL C 155 -28.43 18.40 -3.07
C VAL C 155 -27.17 18.46 -3.92
N SER C 156 -27.35 18.22 -5.21
CA SER C 156 -26.21 18.25 -6.10
C SER C 156 -26.45 19.22 -7.25
N TRP C 157 -25.36 19.66 -7.87
CA TRP C 157 -25.39 20.56 -9.01
C TRP C 157 -24.45 20.07 -10.09
N PHE C 158 -24.91 20.13 -11.33
CA PHE C 158 -24.16 19.61 -12.46
C PHE C 158 -24.03 20.67 -13.54
N GLN C 159 -22.85 20.73 -14.15
CA GLN C 159 -22.59 21.56 -15.32
C GLN C 159 -22.45 20.65 -16.53
N HIS C 160 -23.28 20.86 -17.55
CA HIS C 160 -23.31 19.99 -18.71
C HIS C 160 -23.00 20.82 -19.96
N HIS C 161 -21.75 20.72 -20.42
CA HIS C 161 -21.37 21.32 -21.69
C HIS C 161 -21.79 20.43 -22.85
N PRO C 162 -22.04 21.01 -24.02
CA PRO C 162 -22.48 20.20 -25.18
C PRO C 162 -21.34 19.34 -25.69
N GLY C 163 -21.55 18.03 -25.69
CA GLY C 163 -20.59 17.07 -26.19
C GLY C 163 -19.82 16.32 -25.12
N LYS C 164 -19.84 16.81 -23.89
CA LYS C 164 -19.17 16.17 -22.77
C LYS C 164 -20.18 15.48 -21.87
N ALA C 165 -19.69 14.73 -20.89
CA ALA C 165 -20.58 14.17 -19.90
C ALA C 165 -20.81 15.17 -18.77
N PRO C 166 -21.98 15.12 -18.12
CA PRO C 166 -22.26 16.06 -17.03
C PRO C 166 -21.17 16.02 -15.97
N LYS C 167 -20.88 17.19 -15.40
CA LYS C 167 -19.80 17.37 -14.44
C LYS C 167 -20.38 17.87 -13.13
N LEU C 168 -20.20 17.09 -12.06
CA LEU C 168 -20.65 17.49 -10.75
C LEU C 168 -19.85 18.63 -10.12
N MET C 169 -20.48 19.79 -9.99
CA MET C 169 -19.85 20.96 -9.41
C MET C 169 -20.09 21.24 -7.94
N ILE C 170 -21.21 20.77 -7.40
CA ILE C 170 -21.61 21.01 -6.02
C ILE C 170 -22.25 19.73 -5.48
N TYR C 171 -21.85 19.32 -4.28
CA TYR C 171 -22.50 18.22 -3.59
C TYR C 171 -22.63 18.58 -2.12
N ASP C 172 -23.56 17.91 -1.44
CA ASP C 172 -23.93 18.24 -0.06
C ASP C 172 -24.30 19.71 0.09
N VAL C 173 -25.05 20.21 -0.90
CA VAL C 173 -25.61 21.57 -0.92
C VAL C 173 -24.53 22.62 -1.14
N THR C 174 -23.41 22.54 -0.41
CA THR C 174 -22.42 23.60 -0.40
C THR C 174 -20.99 23.22 -0.78
N ASP C 175 -20.67 21.94 -0.88
CA ASP C 175 -19.29 21.52 -1.06
C ASP C 175 -19.06 21.30 -2.55
N ARG C 176 -17.82 21.52 -2.99
CA ARG C 176 -17.45 21.32 -4.38
C ARG C 176 -16.38 20.23 -4.50
N PRO C 177 -16.44 19.39 -5.52
CA PRO C 177 -15.37 18.41 -5.72
C PRO C 177 -14.07 19.09 -6.12
N SER C 178 -13.02 18.28 -6.16
CA SER C 178 -11.69 18.80 -6.50
C SER C 178 -11.67 19.30 -7.94
N GLY C 179 -10.99 20.43 -8.15
CA GLY C 179 -10.87 21.01 -9.47
C GLY C 179 -11.95 22.02 -9.83
N VAL C 180 -12.96 22.19 -8.99
CA VAL C 180 -14.03 23.15 -9.24
C VAL C 180 -13.63 24.48 -8.61
N PRO C 181 -13.71 25.60 -9.33
CA PRO C 181 -13.33 26.89 -8.75
C PRO C 181 -14.27 27.29 -7.63
N ASP C 182 -13.78 28.16 -6.75
CA ASP C 182 -14.62 28.67 -5.68
C ASP C 182 -15.59 29.74 -6.16
N ARG C 183 -15.59 30.07 -7.45
CA ARG C 183 -16.64 30.91 -8.00
C ARG C 183 -18.00 30.21 -7.94
N PHE C 184 -18.01 28.88 -7.92
CA PHE C 184 -19.24 28.11 -7.82
C PHE C 184 -19.53 27.81 -6.36
N SER C 185 -20.66 28.31 -5.86
CA SER C 185 -21.06 28.08 -4.49
C SER C 185 -22.52 27.67 -4.46
N GLY C 186 -22.85 26.73 -3.58
CA GLY C 186 -24.20 26.23 -3.43
C GLY C 186 -24.80 26.68 -2.10
N SER C 187 -26.11 26.88 -2.10
CA SER C 187 -26.81 27.26 -0.89
C SER C 187 -28.23 26.71 -0.97
N LYS C 188 -28.89 26.67 0.18
CA LYS C 188 -30.25 26.15 0.23
C LYS C 188 -31.02 26.88 1.31
N SER C 189 -32.31 27.12 1.04
CA SER C 189 -33.21 27.71 2.03
C SER C 189 -34.56 27.07 1.71
N GLY C 190 -35.18 26.50 2.73
CA GLY C 190 -36.46 25.82 2.52
C GLY C 190 -36.44 24.82 1.39
N ASN C 191 -37.34 24.99 0.43
CA ASN C 191 -37.47 24.09 -0.70
C ASN C 191 -36.67 24.54 -1.92
N THR C 192 -35.78 25.51 -1.76
CA THR C 192 -35.07 26.10 -2.91
C THR C 192 -33.57 26.02 -2.67
N ALA C 193 -32.89 25.22 -3.48
CA ALA C 193 -31.44 25.22 -3.54
C ALA C 193 -30.99 26.18 -4.63
N SER C 194 -29.83 26.81 -4.42
CA SER C 194 -29.34 27.85 -5.32
C SER C 194 -27.88 27.64 -5.63
N LEU C 195 -27.54 27.71 -6.91
CA LEU C 195 -26.16 27.71 -7.39
C LEU C 195 -25.82 29.13 -7.84
N THR C 196 -24.73 29.68 -7.30
CA THR C 196 -24.33 31.05 -7.57
C THR C 196 -22.94 31.04 -8.20
N ILE C 197 -22.84 31.58 -9.41
CA ILE C 197 -21.59 31.66 -10.15
C ILE C 197 -21.09 33.10 -10.10
N SER C 198 -19.92 33.31 -9.50
CA SER C 198 -19.31 34.62 -9.38
C SER C 198 -18.24 34.80 -10.45
N GLY C 199 -18.04 36.05 -10.85
CA GLY C 199 -17.09 36.38 -11.90
C GLY C 199 -17.33 35.59 -13.17
N LEU C 200 -18.52 35.75 -13.77
CA LEU C 200 -18.91 34.96 -14.93
C LEU C 200 -17.82 35.03 -16.00
N GLN C 201 -17.43 33.85 -16.48
CA GLN C 201 -16.56 33.72 -17.63
C GLN C 201 -17.31 33.07 -18.79
N ALA C 202 -16.72 33.18 -19.98
CA ALA C 202 -17.36 32.68 -21.20
C ALA C 202 -17.60 31.18 -21.12
N GLU C 203 -16.59 30.43 -20.65
CA GLU C 203 -16.69 28.99 -20.56
C GLU C 203 -17.75 28.53 -19.57
N ASP C 204 -18.32 29.43 -18.77
CA ASP C 204 -19.37 29.01 -17.84
C ASP C 204 -20.69 28.73 -18.56
N ALA C 205 -20.83 29.16 -19.80
CA ALA C 205 -22.07 28.98 -20.54
C ALA C 205 -22.25 27.49 -20.79
N ALA C 206 -23.30 26.92 -20.22
CA ALA C 206 -23.63 25.50 -20.37
C ALA C 206 -25.01 25.28 -19.77
N ASP C 207 -25.39 24.01 -19.65
CA ASP C 207 -26.64 23.61 -19.00
C ASP C 207 -26.33 23.21 -17.56
N TYR C 208 -27.08 23.77 -16.62
CA TYR C 208 -26.90 23.50 -15.21
C TYR C 208 -28.14 22.81 -14.67
N TYR C 209 -27.95 21.65 -14.05
CA TYR C 209 -29.02 20.89 -13.42
C TYR C 209 -28.78 20.80 -11.93
N CYS C 210 -29.81 21.03 -11.14
CA CYS C 210 -29.75 20.66 -9.74
C CYS C 210 -30.17 19.21 -9.58
N CYS C 211 -29.70 18.60 -8.51
CA CYS C 211 -30.01 17.20 -8.24
C CYS C 211 -30.26 17.05 -6.75
N SER C 212 -31.19 16.18 -6.41
CA SER C 212 -31.49 15.90 -5.01
C SER C 212 -31.59 14.40 -4.82
N TYR C 213 -30.88 13.87 -3.84
CA TYR C 213 -30.97 12.47 -3.44
C TYR C 213 -31.92 12.39 -2.25
N ALA C 214 -33.15 11.99 -2.51
CA ALA C 214 -34.02 11.47 -1.46
C ALA C 214 -33.54 10.07 -1.08
N GLY C 215 -34.24 9.46 -0.13
CA GLY C 215 -33.87 8.13 0.33
C GLY C 215 -33.87 7.09 -0.77
N THR C 216 -34.99 6.93 -1.45
CA THR C 216 -35.17 5.82 -2.39
C THR C 216 -35.15 6.26 -3.85
N TYR C 217 -35.00 7.53 -4.13
CA TYR C 217 -35.01 7.99 -5.51
C TYR C 217 -34.17 9.24 -5.65
N THR C 218 -33.79 9.52 -6.90
CA THR C 218 -33.04 10.72 -7.26
C THR C 218 -33.82 11.49 -8.31
N VAL C 219 -33.85 12.81 -8.18
CA VAL C 219 -34.58 13.68 -9.12
C VAL C 219 -33.64 14.77 -9.61
N PHE C 220 -33.53 14.90 -10.93
CA PHE C 220 -32.81 16.00 -11.55
C PHE C 220 -33.77 17.15 -11.80
N GLY C 221 -33.23 18.37 -11.72
CA GLY C 221 -34.00 19.54 -12.08
C GLY C 221 -34.21 19.64 -13.57
N GLY C 222 -35.22 20.45 -13.95
CA GLY C 222 -35.56 20.62 -15.35
C GLY C 222 -34.43 21.17 -16.20
N GLY C 223 -33.46 21.82 -15.58
CA GLY C 223 -32.31 22.35 -16.29
C GLY C 223 -32.43 23.84 -16.57
N THR C 224 -31.28 24.52 -16.53
CA THR C 224 -31.19 25.95 -16.81
C THR C 224 -30.07 26.17 -17.82
N LYS C 225 -30.39 26.78 -18.96
CA LYS C 225 -29.36 27.14 -19.93
C LYS C 225 -28.78 28.50 -19.56
N LEU C 226 -27.49 28.52 -19.23
CA LEU C 226 -26.79 29.74 -18.90
C LEU C 226 -26.05 30.23 -20.14
N THR C 227 -26.36 31.46 -20.55
CA THR C 227 -25.67 32.10 -21.66
C THR C 227 -24.86 33.27 -21.13
N VAL C 228 -23.61 33.40 -21.58
CA VAL C 228 -22.68 34.39 -21.09
C VAL C 228 -22.43 35.40 -22.20
N LEU C 229 -22.96 36.60 -22.04
CA LEU C 229 -22.70 37.67 -23.00
C LEU C 229 -21.24 38.10 -22.95
N GLU D 1 -0.46 -9.18 -7.72
CA GLU D 1 0.46 -8.89 -6.63
C GLU D 1 1.73 -8.24 -7.17
N VAL D 2 2.86 -8.91 -7.00
CA VAL D 2 4.13 -8.41 -7.50
C VAL D 2 4.22 -8.69 -9.00
N ARG D 3 4.54 -7.65 -9.78
CA ARG D 3 4.56 -7.75 -11.22
C ARG D 3 5.64 -6.85 -11.80
N LEU D 4 6.25 -7.33 -12.88
CA LEU D 4 7.11 -6.53 -13.74
C LEU D 4 6.57 -6.64 -15.16
N LEU D 5 6.54 -5.50 -15.86
CA LEU D 5 5.99 -5.46 -17.20
C LEU D 5 6.93 -4.66 -18.10
N GLU D 6 7.51 -5.34 -19.09
CA GLU D 6 8.36 -4.67 -20.05
C GLU D 6 7.53 -4.06 -21.18
N SER D 7 8.11 -3.07 -21.84
CA SER D 7 7.47 -2.46 -23.00
C SER D 7 8.51 -1.65 -23.76
N GLY D 8 8.17 -1.29 -24.98
CA GLY D 8 9.03 -0.47 -25.81
C GLY D 8 9.83 -1.20 -26.86
N GLY D 9 9.53 -2.46 -27.12
CA GLY D 9 10.23 -3.20 -28.16
C GLY D 9 9.61 -2.98 -29.53
N GLY D 10 10.44 -3.15 -30.55
CA GLY D 10 9.97 -2.97 -31.91
C GLY D 10 11.12 -3.10 -32.90
N LEU D 11 10.78 -2.93 -34.17
CA LEU D 11 11.77 -3.03 -35.24
C LEU D 11 12.49 -1.70 -35.40
N VAL D 12 13.82 -1.75 -35.47
CA VAL D 12 14.68 -0.58 -35.65
C VAL D 12 15.84 -0.96 -36.55
N GLN D 13 16.34 0.03 -37.31
CA GLN D 13 17.43 -0.24 -38.22
C GLN D 13 18.76 -0.33 -37.47
N PRO D 14 19.73 -1.09 -38.00
CA PRO D 14 21.03 -1.18 -37.34
C PRO D 14 21.66 0.19 -37.15
N GLY D 15 22.23 0.39 -35.96
CA GLY D 15 22.74 1.69 -35.57
C GLY D 15 21.71 2.63 -35.00
N GLY D 16 20.43 2.24 -34.99
CA GLY D 16 19.35 3.07 -34.48
C GLY D 16 19.35 3.10 -32.97
N SER D 17 18.24 3.57 -32.42
CA SER D 17 18.10 3.77 -30.99
C SER D 17 16.72 3.31 -30.54
N LEU D 18 16.65 2.75 -29.34
CA LEU D 18 15.39 2.31 -28.76
C LEU D 18 15.42 2.52 -27.26
N ARG D 19 14.26 2.75 -26.65
CA ARG D 19 14.20 2.85 -25.21
C ARG D 19 13.24 1.84 -24.65
N LEU D 20 13.71 1.05 -23.70
CA LEU D 20 12.87 0.04 -23.09
C LEU D 20 12.37 0.49 -21.75
N SER D 21 11.21 0.00 -21.35
CA SER D 21 10.61 0.39 -20.09
C SER D 21 10.19 -0.85 -19.33
N CYS D 22 10.22 -0.75 -18.00
CA CYS D 22 9.80 -1.83 -17.11
C CYS D 22 8.93 -1.23 -16.01
N ALA D 23 7.70 -1.74 -15.87
CA ALA D 23 6.73 -1.21 -14.93
C ALA D 23 6.62 -2.14 -13.72
N ALA D 24 6.96 -1.63 -12.55
CA ALA D 24 6.87 -2.37 -11.30
C ALA D 24 5.50 -2.17 -10.64
N SER D 25 5.05 -3.19 -9.91
CA SER D 25 3.77 -3.17 -9.24
C SER D 25 3.78 -4.20 -8.11
N GLY D 26 3.33 -3.79 -6.93
CA GLY D 26 3.14 -4.71 -5.83
C GLY D 26 4.23 -4.73 -4.78
N PHE D 27 5.26 -3.90 -4.92
CA PHE D 27 6.34 -3.87 -3.94
C PHE D 27 6.97 -2.49 -3.94
N THR D 28 7.84 -2.26 -2.96
CA THR D 28 8.55 -0.98 -2.83
C THR D 28 9.68 -0.95 -3.86
N PHE D 29 9.44 -0.24 -4.97
CA PHE D 29 10.36 -0.30 -6.11
C PHE D 29 11.73 0.27 -5.75
N ASN D 30 11.78 1.33 -4.96
CA ASN D 30 13.04 2.01 -4.70
C ASN D 30 13.91 1.32 -3.66
N ASP D 31 13.45 0.20 -3.09
CA ASP D 31 14.25 -0.55 -2.14
C ASP D 31 15.09 -1.64 -2.79
N TYR D 32 14.91 -1.90 -4.09
CA TYR D 32 15.49 -3.05 -4.75
C TYR D 32 16.24 -2.63 -6.01
N ALA D 33 17.35 -3.31 -6.26
CA ALA D 33 18.06 -3.18 -7.52
C ALA D 33 17.23 -3.76 -8.66
N MET D 34 17.38 -3.18 -9.84
CA MET D 34 16.72 -3.66 -11.05
C MET D 34 17.78 -4.05 -12.07
N SER D 35 17.47 -5.06 -12.88
CA SER D 35 18.40 -5.56 -13.87
C SER D 35 17.65 -5.85 -15.18
N TRP D 36 18.38 -5.75 -16.28
CA TRP D 36 17.89 -6.18 -17.58
C TRP D 36 18.65 -7.43 -18.00
N VAL D 37 17.92 -8.47 -18.37
CA VAL D 37 18.48 -9.70 -18.92
C VAL D 37 17.82 -9.95 -20.26
N ARG D 38 18.62 -10.29 -21.27
CA ARG D 38 18.12 -10.55 -22.61
C ARG D 38 18.44 -11.97 -23.04
N GLN D 39 17.80 -12.39 -24.13
CA GLN D 39 18.01 -13.71 -24.71
C GLN D 39 17.92 -13.35 -26.20
N ALA D 40 18.97 -13.68 -26.95
CA ALA D 40 18.98 -13.44 -28.38
C ALA D 40 18.55 -14.76 -28.99
N PRO D 41 17.77 -14.73 -30.07
CA PRO D 41 17.38 -15.98 -30.75
C PRO D 41 18.58 -16.86 -31.05
N GLY D 42 18.51 -18.12 -30.60
CA GLY D 42 19.60 -19.05 -30.75
C GLY D 42 20.68 -18.96 -29.69
N GLU D 43 20.65 -17.94 -28.84
CA GLU D 43 21.66 -17.71 -27.82
C GLU D 43 21.10 -17.97 -26.43
N GLY D 44 22.00 -18.12 -25.47
CA GLY D 44 21.61 -18.30 -24.08
C GLY D 44 21.30 -16.98 -23.39
N LEU D 45 20.91 -17.09 -22.12
CA LEU D 45 20.62 -15.90 -21.34
C LEU D 45 21.89 -15.07 -21.17
N GLU D 46 21.73 -13.74 -21.26
CA GLU D 46 22.85 -12.82 -21.12
C GLU D 46 22.44 -11.67 -20.22
N TRP D 47 23.21 -11.43 -19.16
CA TRP D 47 22.96 -10.29 -18.31
C TRP D 47 23.35 -9.01 -19.04
N VAL D 48 22.44 -8.05 -19.08
CA VAL D 48 22.66 -6.82 -19.83
C VAL D 48 23.16 -5.66 -18.97
N SER D 49 22.46 -5.39 -17.88
CA SER D 49 22.76 -4.22 -17.06
C SER D 49 22.00 -4.33 -15.75
N THR D 50 22.57 -3.73 -14.70
CA THR D 50 21.97 -3.69 -13.37
C THR D 50 22.06 -2.28 -12.81
N ILE D 51 20.95 -1.78 -12.27
CA ILE D 51 20.91 -0.50 -11.59
C ILE D 51 20.63 -0.75 -10.12
N SER D 52 21.29 0.01 -9.25
CA SER D 52 21.06 -0.15 -7.82
C SER D 52 19.74 0.51 -7.44
N TYR D 53 19.30 0.25 -6.19
CA TYR D 53 18.01 0.74 -5.74
C TYR D 53 17.93 2.27 -5.79
N SER D 54 19.04 2.94 -5.51
CA SER D 54 19.04 4.40 -5.48
C SER D 54 19.11 4.99 -6.89
N GLY D 55 19.98 4.46 -7.73
CA GLY D 55 20.23 4.97 -9.06
C GLY D 55 21.64 5.45 -9.29
N GLY D 56 22.43 5.64 -8.24
CA GLY D 56 23.79 6.08 -8.40
C GLY D 56 24.79 5.00 -8.72
N SER D 57 24.34 3.79 -9.01
CA SER D 57 25.22 2.69 -9.36
C SER D 57 24.66 2.00 -10.61
N THR D 58 25.44 2.02 -11.69
CA THR D 58 25.11 1.34 -12.93
C THR D 58 26.23 0.37 -13.27
N TYR D 59 25.86 -0.86 -13.61
CA TYR D 59 26.79 -1.90 -14.01
C TYR D 59 26.38 -2.42 -15.38
N TYR D 60 27.37 -2.65 -16.25
CA TYR D 60 27.09 -3.01 -17.63
C TYR D 60 27.93 -4.21 -18.04
N ALA D 61 27.47 -4.89 -19.09
CA ALA D 61 28.22 -5.97 -19.71
C ALA D 61 29.13 -5.41 -20.79
N ASP D 62 30.29 -6.00 -20.97
CA ASP D 62 31.25 -5.52 -21.95
C ASP D 62 30.76 -5.60 -23.36
N SER D 63 29.78 -6.42 -23.62
CA SER D 63 29.23 -6.59 -24.95
C SER D 63 28.32 -5.46 -25.34
N VAL D 64 28.05 -4.53 -24.43
CA VAL D 64 27.06 -3.52 -24.69
C VAL D 64 27.56 -2.22 -24.12
N LYS D 65 28.58 -2.31 -23.27
CA LYS D 65 29.12 -1.12 -22.63
C LYS D 65 29.45 0.01 -23.55
N GLY D 66 28.84 1.15 -23.31
CA GLY D 66 29.12 2.32 -24.10
C GLY D 66 27.97 2.63 -25.01
N ARG D 67 27.15 1.64 -25.25
CA ARG D 67 26.04 1.82 -26.17
C ARG D 67 24.69 1.84 -25.46
N PHE D 68 24.53 1.11 -24.35
CA PHE D 68 23.27 1.19 -23.63
C PHE D 68 23.45 2.03 -22.37
N THR D 69 22.35 2.60 -21.89
CA THR D 69 22.34 3.39 -20.67
C THR D 69 21.14 2.99 -19.83
N ILE D 70 21.39 2.49 -18.62
CA ILE D 70 20.34 2.05 -17.71
C ILE D 70 20.00 3.19 -16.77
N SER D 71 18.70 3.31 -16.44
CA SER D 71 18.22 4.38 -15.58
C SER D 71 16.92 3.92 -14.94
N ARG D 72 16.53 4.62 -13.88
CA ARG D 72 15.29 4.29 -13.18
C ARG D 72 14.68 5.56 -12.63
N ASP D 73 13.34 5.55 -12.51
CA ASP D 73 12.56 6.68 -12.00
C ASP D 73 11.80 6.06 -10.83
N ASN D 74 12.31 6.28 -9.61
CA ASN D 74 11.73 5.65 -8.42
C ASN D 74 10.40 6.33 -8.09
N SER D 75 10.21 7.58 -8.53
CA SER D 75 8.93 8.24 -8.32
C SER D 75 7.83 7.60 -9.16
N LYS D 76 8.18 7.10 -10.34
CA LYS D 76 7.20 6.53 -11.26
C LYS D 76 7.20 5.01 -11.25
N ASN D 77 8.04 4.36 -10.43
CA ASN D 77 8.15 2.91 -10.40
C ASN D 77 8.50 2.35 -11.78
N MET D 78 9.47 2.99 -12.44
CA MET D 78 9.82 2.64 -13.81
C MET D 78 11.33 2.46 -13.94
N LEU D 79 11.72 1.43 -14.69
CA LEU D 79 13.08 1.17 -15.08
C LEU D 79 13.20 1.36 -16.60
N TYR D 80 14.32 1.89 -17.04
CA TYR D 80 14.51 2.24 -18.44
C TYR D 80 15.85 1.73 -18.93
N LEU D 81 15.89 1.40 -20.23
CA LEU D 81 17.13 1.03 -20.89
C LEU D 81 17.21 1.80 -22.21
N GLN D 82 18.25 2.62 -22.34
CA GLN D 82 18.44 3.42 -23.56
C GLN D 82 19.48 2.72 -24.41
N MET D 83 19.03 2.11 -25.50
CA MET D 83 19.88 1.31 -26.38
C MET D 83 20.19 2.12 -27.63
N ASN D 84 21.46 2.48 -27.81
CA ASN D 84 21.94 3.24 -28.95
C ASN D 84 23.03 2.44 -29.66
N SER D 85 23.31 2.82 -30.91
CA SER D 85 24.22 2.07 -31.77
C SER D 85 23.78 0.62 -31.88
N LEU D 86 22.46 0.42 -32.00
CA LEU D 86 21.88 -0.91 -31.97
C LEU D 86 22.42 -1.75 -33.12
N ARG D 87 23.03 -2.88 -32.77
CA ARG D 87 23.57 -3.81 -33.76
C ARG D 87 22.63 -5.01 -33.92
N ALA D 88 22.95 -5.85 -34.90
CA ALA D 88 22.11 -7.02 -35.17
C ALA D 88 22.13 -8.01 -34.02
N GLU D 89 23.28 -8.14 -33.35
CA GLU D 89 23.41 -9.06 -32.23
C GLU D 89 22.64 -8.58 -30.99
N ASP D 90 22.01 -7.41 -31.04
CA ASP D 90 21.15 -6.95 -29.96
C ASP D 90 19.70 -7.37 -30.15
N THR D 91 19.39 -8.03 -31.26
CA THR D 91 18.05 -8.59 -31.45
C THR D 91 17.80 -9.67 -30.42
N ALA D 92 16.84 -9.44 -29.54
CA ALA D 92 16.61 -10.35 -28.42
C ALA D 92 15.28 -10.00 -27.76
N LEU D 93 14.80 -10.94 -26.95
CA LEU D 93 13.72 -10.68 -26.00
C LEU D 93 14.35 -10.19 -24.70
N TYR D 94 13.89 -9.02 -24.25
CA TYR D 94 14.50 -8.34 -23.12
C TYR D 94 13.62 -8.46 -21.89
N TYR D 95 14.24 -8.75 -20.75
CA TYR D 95 13.53 -8.97 -19.49
C TYR D 95 14.10 -8.07 -18.41
N CYS D 96 13.24 -7.58 -17.53
CA CYS D 96 13.68 -6.91 -16.30
C CYS D 96 13.42 -7.84 -15.11
N ALA D 97 14.29 -7.74 -14.11
CA ALA D 97 14.24 -8.66 -12.99
C ALA D 97 14.84 -8.00 -11.76
N ASN D 98 14.39 -8.45 -10.59
CA ASN D 98 14.96 -8.03 -9.32
C ASN D 98 14.91 -9.22 -8.37
N GLY D 99 15.39 -9.01 -7.15
CA GLY D 99 15.39 -10.05 -6.15
C GLY D 99 14.56 -9.41 -5.06
N VAL D 100 13.25 -9.68 -5.07
CA VAL D 100 12.34 -9.01 -4.16
C VAL D 100 12.12 -10.09 -3.11
N ALA D 101 12.18 -11.36 -3.50
CA ALA D 101 11.83 -12.46 -2.60
C ALA D 101 13.04 -13.19 -2.03
N THR D 102 14.22 -13.02 -2.61
CA THR D 102 15.43 -13.71 -2.16
C THR D 102 16.42 -12.71 -1.60
N ALA D 103 17.10 -11.96 -2.47
CA ALA D 103 18.08 -10.98 -2.05
C ALA D 103 18.28 -10.01 -3.21
N ASP D 104 18.87 -8.85 -2.90
CA ASP D 104 18.95 -7.77 -3.88
C ASP D 104 19.74 -8.15 -5.12
N TRP D 105 20.58 -9.18 -5.06
CA TRP D 105 21.51 -9.51 -6.14
C TRP D 105 21.06 -10.72 -6.97
N TYR D 106 19.87 -11.23 -6.73
CA TYR D 106 19.34 -12.37 -7.46
C TYR D 106 18.21 -11.92 -8.38
N PHE D 107 17.76 -12.85 -9.22
CA PHE D 107 16.66 -12.63 -10.16
C PHE D 107 15.63 -13.69 -9.77
N ASP D 108 14.64 -13.31 -8.97
CA ASP D 108 13.55 -14.24 -8.65
C ASP D 108 12.26 -13.74 -9.26
N LEU D 109 12.09 -12.43 -9.37
CA LEU D 109 10.94 -11.84 -10.05
C LEU D 109 11.33 -11.44 -11.45
N TRP D 110 10.49 -11.82 -12.42
CA TRP D 110 10.74 -11.51 -13.83
C TRP D 110 9.47 -10.97 -14.47
N GLY D 111 9.65 -10.19 -15.54
CA GLY D 111 8.54 -9.76 -16.36
C GLY D 111 8.25 -10.78 -17.45
N ARG D 112 7.32 -10.41 -18.34
CA ARG D 112 7.00 -11.29 -19.45
C ARG D 112 7.96 -11.11 -20.62
N GLY D 113 8.56 -9.94 -20.75
CA GLY D 113 9.53 -9.69 -21.79
C GLY D 113 8.98 -8.83 -22.91
N THR D 114 9.87 -8.09 -23.56
CA THR D 114 9.53 -7.28 -24.71
C THR D 114 10.48 -7.63 -25.85
N LEU D 115 9.93 -7.68 -27.07
CA LEU D 115 10.67 -8.17 -28.22
C LEU D 115 11.32 -7.00 -28.97
N VAL D 116 12.63 -7.08 -29.15
CA VAL D 116 13.40 -6.06 -29.84
C VAL D 116 13.98 -6.69 -31.10
N THR D 117 13.67 -6.10 -32.25
CA THR D 117 14.17 -6.57 -33.55
C THR D 117 15.04 -5.49 -34.16
N VAL D 118 16.27 -5.85 -34.51
CA VAL D 118 17.19 -4.96 -35.21
C VAL D 118 17.40 -5.52 -36.62
N SER D 119 16.93 -4.79 -37.62
CA SER D 119 16.95 -5.24 -39.02
C SER D 119 18.32 -5.67 -39.52
N GLN D 121 32.28 -17.59 -26.46
CA GLN D 121 31.79 -16.71 -25.40
C GLN D 121 32.67 -16.76 -24.16
N SER D 122 32.33 -15.91 -23.18
CA SER D 122 32.97 -15.90 -21.87
C SER D 122 32.03 -16.43 -20.78
N ALA D 123 30.91 -17.05 -21.17
CA ALA D 123 29.95 -17.56 -20.21
C ALA D 123 30.53 -18.73 -19.42
N LEU D 124 29.88 -19.03 -18.28
CA LEU D 124 30.22 -20.21 -17.51
C LEU D 124 30.01 -21.46 -18.34
N THR D 125 30.86 -22.46 -18.11
CA THR D 125 30.89 -23.64 -18.96
C THR D 125 29.93 -24.69 -18.42
N GLN D 126 28.92 -25.03 -19.21
CA GLN D 126 27.99 -26.10 -18.92
C GLN D 126 28.04 -27.13 -20.03
N PRO D 127 27.57 -28.35 -19.77
CA PRO D 127 27.31 -29.27 -20.88
C PRO D 127 26.21 -28.70 -21.77
N ARG D 128 26.31 -28.97 -23.07
CA ARG D 128 25.29 -28.42 -23.97
C ARG D 128 24.00 -29.21 -23.92
N SER D 129 24.07 -30.50 -23.59
CA SER D 129 22.92 -31.37 -23.65
C SER D 129 23.05 -32.49 -22.62
N VAL D 130 21.93 -32.82 -21.98
CA VAL D 130 21.84 -33.98 -21.11
C VAL D 130 20.45 -34.58 -21.27
N SER D 131 20.37 -35.90 -21.28
CA SER D 131 19.12 -36.61 -21.45
C SER D 131 18.88 -37.55 -20.28
N GLY D 132 17.61 -37.84 -20.01
CA GLY D 132 17.25 -38.73 -18.94
C GLY D 132 15.85 -39.27 -19.14
N SER D 133 15.61 -40.46 -18.59
CA SER D 133 14.31 -41.09 -18.69
C SER D 133 13.43 -40.68 -17.51
N PRO D 134 12.11 -40.66 -17.71
CA PRO D 134 11.22 -40.19 -16.63
C PRO D 134 11.37 -41.02 -15.37
N GLY D 135 11.51 -40.34 -14.24
CA GLY D 135 11.72 -40.97 -12.96
C GLY D 135 13.17 -41.04 -12.53
N GLN D 136 14.11 -40.90 -13.47
CA GLN D 136 15.52 -41.00 -13.17
C GLN D 136 16.04 -39.67 -12.61
N SER D 137 17.36 -39.54 -12.50
CA SER D 137 18.00 -38.34 -12.02
C SER D 137 19.12 -37.93 -12.97
N VAL D 138 19.31 -36.62 -13.10
CA VAL D 138 20.39 -36.06 -13.90
C VAL D 138 21.10 -35.00 -13.07
N THR D 139 22.41 -34.89 -13.28
CA THR D 139 23.23 -33.85 -12.66
C THR D 139 23.83 -32.98 -13.76
N ILE D 140 23.72 -31.66 -13.59
CA ILE D 140 24.20 -30.70 -14.57
C ILE D 140 25.26 -29.83 -13.90
N SER D 141 26.42 -29.70 -14.53
CA SER D 141 27.56 -29.02 -13.95
C SER D 141 27.74 -27.63 -14.55
N CYS D 142 28.41 -26.76 -13.80
CA CYS D 142 28.64 -25.37 -14.22
C CYS D 142 30.00 -25.02 -13.67
N THR D 143 30.93 -24.67 -14.55
CA THR D 143 32.32 -24.43 -14.16
C THR D 143 32.65 -23.00 -14.58
N GLY D 144 33.02 -22.18 -13.60
CA GLY D 144 33.42 -20.80 -13.84
C GLY D 144 34.80 -20.51 -13.30
N THR D 145 35.16 -19.24 -13.16
CA THR D 145 36.49 -18.85 -12.72
C THR D 145 36.50 -18.63 -11.21
N SER D 146 37.60 -18.08 -10.70
CA SER D 146 37.70 -17.76 -9.28
C SER D 146 37.13 -16.39 -8.95
N SER D 147 36.58 -15.73 -9.93
CA SER D 147 36.04 -14.41 -9.72
C SER D 147 34.52 -14.44 -9.63
N ASP D 148 33.93 -15.60 -9.90
CA ASP D 148 32.50 -15.73 -9.90
C ASP D 148 32.01 -16.89 -9.03
N VAL D 149 31.95 -18.08 -9.58
CA VAL D 149 31.53 -19.27 -8.83
C VAL D 149 32.48 -19.56 -7.68
N GLY D 150 33.78 -19.43 -7.89
CA GLY D 150 34.73 -19.62 -6.80
C GLY D 150 35.02 -18.40 -5.98
N GLY D 151 34.44 -17.26 -6.32
CA GLY D 151 34.64 -16.04 -5.56
C GLY D 151 33.67 -15.92 -4.40
N TYR D 152 32.38 -15.95 -4.71
CA TYR D 152 31.33 -15.88 -3.71
C TYR D 152 30.40 -17.07 -3.87
N ASN D 153 29.44 -17.17 -2.97
CA ASN D 153 28.48 -18.26 -3.00
C ASN D 153 27.16 -17.74 -3.48
N TYR D 154 27.19 -16.81 -4.41
CA TYR D 154 26.00 -16.23 -4.94
C TYR D 154 25.66 -16.86 -6.24
N VAL D 155 25.42 -18.16 -6.20
CA VAL D 155 25.10 -18.87 -7.40
C VAL D 155 23.63 -19.19 -7.58
N SER D 156 23.19 -19.09 -8.82
CA SER D 156 21.80 -19.33 -9.12
C SER D 156 21.61 -20.31 -10.25
N TRP D 157 20.46 -20.93 -10.29
CA TRP D 157 20.10 -21.88 -11.34
C TRP D 157 18.73 -21.49 -11.87
N PHE D 158 18.60 -21.47 -13.19
CA PHE D 158 17.39 -21.01 -13.86
C PHE D 158 16.87 -22.08 -14.80
N GLN D 159 15.55 -22.25 -14.82
CA GLN D 159 14.86 -23.02 -15.84
C GLN D 159 14.33 -22.06 -16.89
N HIS D 160 14.41 -22.45 -18.17
CA HIS D 160 14.08 -21.53 -19.25
C HIS D 160 13.58 -22.27 -20.47
N HIS D 161 12.56 -21.69 -21.10
CA HIS D 161 12.10 -22.06 -22.44
C HIS D 161 12.16 -20.82 -23.32
N PRO D 162 12.96 -20.81 -24.39
CA PRO D 162 13.03 -19.62 -25.25
C PRO D 162 11.67 -19.14 -25.74
N GLY D 163 11.32 -17.91 -25.37
CA GLY D 163 10.01 -17.36 -25.63
C GLY D 163 9.17 -17.08 -24.40
N LYS D 164 9.73 -17.32 -23.21
CA LYS D 164 9.07 -17.03 -21.95
C LYS D 164 10.20 -16.73 -20.97
N ALA D 165 9.84 -16.09 -19.86
CA ALA D 165 10.84 -15.66 -18.90
C ALA D 165 11.46 -16.86 -18.19
N PRO D 166 12.73 -16.75 -17.79
CA PRO D 166 13.34 -17.83 -17.00
C PRO D 166 12.71 -17.89 -15.63
N LYS D 167 12.81 -19.05 -15.00
CA LYS D 167 12.33 -19.26 -13.64
C LYS D 167 13.50 -19.59 -12.74
N LEU D 168 13.60 -18.87 -11.62
CA LEU D 168 14.63 -19.17 -10.62
C LEU D 168 14.30 -20.48 -9.93
N MET D 169 15.23 -21.43 -9.98
CA MET D 169 15.04 -22.73 -9.34
C MET D 169 15.90 -22.92 -8.10
N ILE D 170 17.11 -22.38 -8.09
CA ILE D 170 18.04 -22.51 -6.97
C ILE D 170 18.76 -21.18 -6.79
N TYR D 171 18.86 -20.71 -5.54
CA TYR D 171 19.67 -19.56 -5.22
C TYR D 171 20.48 -19.85 -3.97
N ASP D 172 21.56 -19.07 -3.78
CA ASP D 172 22.49 -19.30 -2.69
C ASP D 172 23.00 -20.73 -2.70
N VAL D 173 23.29 -21.22 -3.90
CA VAL D 173 23.88 -22.53 -4.17
C VAL D 173 22.91 -23.68 -3.93
N THR D 174 22.18 -23.65 -2.81
CA THR D 174 21.44 -24.82 -2.34
C THR D 174 19.97 -24.59 -2.08
N ASP D 175 19.47 -23.36 -2.10
CA ASP D 175 18.13 -23.06 -1.64
C ASP D 175 17.16 -22.89 -2.80
N ARG D 176 15.90 -23.36 -2.59
CA ARG D 176 14.81 -23.27 -3.56
C ARG D 176 13.88 -22.13 -3.20
N PRO D 177 13.54 -21.26 -4.15
CA PRO D 177 12.48 -20.28 -3.89
C PRO D 177 11.11 -20.93 -3.76
N SER D 178 10.07 -20.11 -3.58
CA SER D 178 8.72 -20.64 -3.39
C SER D 178 8.23 -21.32 -4.66
N GLY D 179 7.67 -22.53 -4.50
CA GLY D 179 7.04 -23.23 -5.60
C GLY D 179 7.93 -24.19 -6.35
N VAL D 180 9.20 -24.32 -5.98
CA VAL D 180 10.12 -25.22 -6.66
C VAL D 180 10.20 -26.50 -5.88
N PRO D 181 9.98 -27.67 -6.51
CA PRO D 181 9.96 -28.93 -5.78
C PRO D 181 11.35 -29.27 -5.24
N ASP D 182 11.37 -30.10 -4.19
CA ASP D 182 12.63 -30.59 -3.64
C ASP D 182 13.35 -31.55 -4.58
N ARG D 183 12.78 -31.81 -5.76
CA ARG D 183 13.47 -32.63 -6.75
C ARG D 183 14.69 -31.90 -7.32
N PHE D 184 14.66 -30.58 -7.31
CA PHE D 184 15.80 -29.75 -7.71
C PHE D 184 16.64 -29.41 -6.49
N SER D 185 17.94 -29.69 -6.56
CA SER D 185 18.85 -29.37 -5.49
C SER D 185 20.19 -28.97 -6.09
N GLY D 186 20.94 -28.14 -5.36
CA GLY D 186 22.18 -27.60 -5.87
C GLY D 186 23.32 -27.81 -4.90
N SER D 187 24.53 -27.66 -5.43
CA SER D 187 25.75 -27.80 -4.64
C SER D 187 26.87 -27.06 -5.37
N LYS D 188 27.97 -26.85 -4.66
CA LYS D 188 29.12 -26.16 -5.23
C LYS D 188 30.40 -26.72 -4.63
N SER D 189 31.45 -26.75 -5.45
CA SER D 189 32.77 -27.17 -5.00
C SER D 189 33.72 -26.32 -5.83
N GLY D 190 34.52 -25.49 -5.16
CA GLY D 190 35.45 -24.63 -5.86
C GLY D 190 34.86 -23.74 -6.93
N ASN D 191 35.29 -23.93 -8.17
CA ASN D 191 34.81 -23.14 -9.29
C ASN D 191 33.66 -23.81 -10.05
N THR D 192 33.15 -24.93 -9.55
CA THR D 192 32.10 -25.69 -10.22
C THR D 192 30.88 -25.79 -9.33
N ALA D 193 29.72 -25.42 -9.86
CA ALA D 193 28.43 -25.63 -9.22
C ALA D 193 27.70 -26.77 -9.94
N SER D 194 26.76 -27.38 -9.26
CA SER D 194 26.03 -28.52 -9.82
C SER D 194 24.55 -28.60 -9.47
N LEU D 195 23.68 -28.70 -10.46
CA LEU D 195 22.27 -28.90 -10.19
C LEU D 195 21.85 -30.32 -10.45
N THR D 196 21.09 -30.88 -9.54
CA THR D 196 20.60 -32.22 -9.72
C THR D 196 19.10 -32.23 -9.76
N ILE D 197 18.55 -32.82 -10.81
CA ILE D 197 17.13 -32.96 -10.92
C ILE D 197 16.73 -34.42 -10.79
N SER D 198 16.03 -34.75 -9.72
CA SER D 198 15.59 -36.10 -9.49
C SER D 198 14.13 -36.29 -9.83
N GLY D 199 13.69 -37.54 -9.97
CA GLY D 199 12.30 -37.83 -10.26
C GLY D 199 11.84 -37.10 -11.51
N LEU D 200 12.57 -37.31 -12.60
CA LEU D 200 12.36 -36.54 -13.82
C LEU D 200 10.96 -36.73 -14.36
N GLN D 201 10.30 -35.63 -14.68
CA GLN D 201 9.01 -35.60 -15.33
C GLN D 201 9.16 -34.98 -16.72
N ALA D 202 8.16 -35.17 -17.56
CA ALA D 202 8.24 -34.66 -18.93
C ALA D 202 8.33 -33.14 -18.96
N GLU D 203 7.67 -32.47 -18.01
CA GLU D 203 7.69 -31.01 -18.00
C GLU D 203 9.01 -30.44 -17.51
N ASP D 204 9.90 -31.28 -16.94
CA ASP D 204 11.22 -30.80 -16.54
C ASP D 204 12.10 -30.51 -17.73
N ALA D 205 11.78 -31.05 -18.91
CA ALA D 205 12.58 -30.78 -20.10
C ALA D 205 12.55 -29.29 -20.35
N ALA D 206 13.72 -28.69 -20.45
CA ALA D 206 13.88 -27.25 -20.66
C ALA D 206 15.38 -26.97 -20.78
N ASP D 207 15.72 -25.69 -20.86
CA ASP D 207 17.10 -25.24 -20.79
C ASP D 207 17.43 -24.82 -19.36
N TYR D 208 18.62 -25.17 -18.89
CA TYR D 208 19.05 -24.88 -17.53
C TYR D 208 20.33 -24.07 -17.56
N TYR D 209 20.31 -22.92 -16.89
CA TYR D 209 21.44 -22.01 -16.84
C TYR D 209 21.87 -21.82 -15.41
N CYS D 210 23.17 -21.91 -15.17
CA CYS D 210 23.69 -21.41 -13.91
C CYS D 210 23.91 -19.91 -14.01
N CYS D 211 24.00 -19.27 -12.85
CA CYS D 211 24.17 -17.83 -12.82
C CYS D 211 25.08 -17.48 -11.66
N SER D 212 25.91 -16.45 -11.82
CA SER D 212 26.74 -15.97 -10.73
C SER D 212 26.83 -14.49 -10.61
N TYR D 213 26.61 -13.99 -9.41
CA TYR D 213 26.78 -12.58 -9.10
C TYR D 213 28.17 -12.37 -8.50
N ALA D 214 28.90 -11.42 -9.06
CA ALA D 214 30.27 -11.20 -8.63
C ALA D 214 30.60 -9.79 -8.20
N GLY D 215 29.59 -9.02 -7.86
CA GLY D 215 29.81 -7.69 -7.38
C GLY D 215 29.61 -6.67 -8.44
N THR D 216 30.46 -6.73 -9.44
CA THR D 216 30.42 -5.74 -10.48
C THR D 216 29.62 -6.22 -11.64
N TYR D 217 29.28 -7.50 -11.64
CA TYR D 217 28.58 -8.07 -12.75
C TYR D 217 27.82 -9.32 -12.47
N THR D 218 26.89 -9.66 -13.36
CA THR D 218 26.23 -10.96 -13.29
C THR D 218 26.54 -11.71 -14.57
N VAL D 219 26.81 -13.02 -14.46
CA VAL D 219 27.20 -13.82 -15.61
C VAL D 219 26.42 -15.13 -15.60
N PHE D 220 25.85 -15.47 -16.74
CA PHE D 220 25.12 -16.72 -16.92
C PHE D 220 26.01 -17.77 -17.57
N GLY D 221 25.67 -19.04 -17.35
CA GLY D 221 26.30 -20.12 -18.07
C GLY D 221 25.77 -20.24 -19.49
N GLY D 222 26.45 -21.05 -20.29
CA GLY D 222 26.04 -21.27 -21.66
C GLY D 222 24.72 -22.00 -21.81
N GLY D 223 24.26 -22.68 -20.77
CA GLY D 223 22.99 -23.37 -20.82
C GLY D 223 23.11 -24.84 -21.16
N THR D 224 22.27 -25.67 -20.55
CA THR D 224 22.23 -27.09 -20.82
C THR D 224 20.80 -27.46 -21.19
N LYS D 225 20.62 -27.99 -22.39
CA LYS D 225 19.29 -28.45 -22.83
C LYS D 225 19.13 -29.78 -22.10
N LEU D 226 17.96 -29.96 -21.47
CA LEU D 226 17.64 -31.19 -20.75
C LEU D 226 16.49 -31.78 -21.55
N THR D 227 16.71 -32.94 -22.14
CA THR D 227 15.68 -33.67 -22.85
C THR D 227 15.22 -34.84 -21.97
N VAL D 228 13.92 -34.94 -21.77
CA VAL D 228 13.36 -36.04 -21.02
C VAL D 228 12.73 -36.98 -22.02
N LEU D 229 13.38 -38.10 -22.26
CA LEU D 229 12.90 -39.06 -23.24
C LEU D 229 11.74 -39.85 -22.75
N ALA D 230 10.57 -39.65 -23.33
CA ALA D 230 9.36 -40.31 -22.94
C ALA D 230 9.41 -41.79 -22.76
N ALA D 231 8.62 -42.29 -21.84
CA ALA D 231 8.53 -43.72 -21.67
C ALA D 231 7.22 -43.97 -21.01
#